data_4N9Z
#
_entry.id   4N9Z
#
_cell.length_a   66.915
_cell.length_b   91.283
_cell.length_c   102.522
_cell.angle_alpha   90.000
_cell.angle_beta   91.200
_cell.angle_gamma   90.000
#
_symmetry.space_group_name_H-M   'P 1 21 1'
#
loop_
_entity.id
_entity.type
_entity.pdbx_description
1 polymer 'Poly(ADP-ribose) glycohydrolase'
2 non-polymer "2'-O-(5-O-phosphono-alpha-D-ribofuranosyl)adenosine 5'-(dihydrogen phosphate)"
3 non-polymer 'SULFATE ION'
4 water water
#
_entity_poly.entity_id   1
_entity_poly.type   'polypeptide(L)'
_entity_poly.pdbx_seq_one_letter_code
;GNLPPEKKWLGTPIEEMRKMPRCGIHLPSLRPSASHTVTVRVDLLRAGEVPKPFPTHYKDLWDNKHVKMPCSEQNLYPVE
DENGERTAGSRWELIQTALLNKFTRPQNLKDAILKYNVAYSKKWDFTALVDFWDKVLEEAEAQHLYQSILPDMVKIALCL
PNICTQPIPLLKQKMNHSVTMSQEQIASLLANAFFCTFPRRNAKMKSEYSSYPDINFNRLFEGRSSRKPEKLKTLFCYFR
RVTEKKPTGLVTFTRQSLEDFPEWERCEKPLTRLHVTYEGTIEGNGRGMLQVDFANRFVGGGVTGAGLVQEQIRFLINPE
LIVSRLFTEVLDHNECLIITGTEQYSEYTGYAETYRWARSHEDGSEKDDWQRRCTEIVAIDALHFRRYLDQFVPEKVRRE
LNKAYCGFLRPGVPSENLSAVATGNWGCGAFGGDARLKALIQILAAAAAERDVVYFTFGDSELMRDIYSMHTFLTERKLD
VGKVYKLLLRYYNEECRNCSTPGPDIKLYPFIYHAVESSAET
;
_entity_poly.pdbx_strand_id   A,B
#
loop_
_chem_comp.id
_chem_comp.type
_chem_comp.name
_chem_comp.formula
SO4 non-polymer 'SULFATE ION' 'O4 S -2'
V3L RNA linking '2'-O-(5-O-phosphono-alpha-D-ribofuranosyl)adenosine 5'-(dihydrogen phosphate)' 'C15 H23 N5 O14 P2'
#
# COMPACT_ATOMS: atom_id res chain seq x y z
N PRO A 5 25.08 -23.18 34.00
CA PRO A 5 23.99 -22.20 34.09
C PRO A 5 23.62 -21.61 32.73
N GLU A 6 22.35 -21.25 32.54
CA GLU A 6 21.90 -20.68 31.25
C GLU A 6 22.63 -19.38 30.92
N LYS A 7 22.75 -19.09 29.62
CA LYS A 7 23.21 -17.76 29.17
C LYS A 7 22.09 -16.77 29.34
N LYS A 8 22.43 -15.49 29.42
CA LYS A 8 21.42 -14.45 29.60
C LYS A 8 20.67 -14.13 28.29
N TRP A 9 21.37 -14.30 27.16
CA TRP A 9 20.76 -14.12 25.85
C TRP A 9 21.34 -15.14 24.86
N LEU A 10 20.61 -15.36 23.78
CA LEU A 10 21.01 -16.27 22.72
C LEU A 10 20.66 -15.66 21.37
N GLY A 11 21.43 -16.02 20.35
CA GLY A 11 21.12 -15.64 18.98
C GLY A 11 22.06 -14.58 18.41
N THR A 12 21.49 -13.77 17.53
CA THR A 12 22.20 -12.66 16.95
C THR A 12 22.45 -11.65 18.07
N PRO A 13 23.68 -11.12 18.16
CA PRO A 13 23.93 -10.07 19.15
C PRO A 13 23.03 -8.87 18.92
N ILE A 14 22.50 -8.29 19.99
CA ILE A 14 21.49 -7.27 19.87
C ILE A 14 22.01 -6.01 19.18
N GLU A 15 23.32 -5.76 19.28
CA GLU A 15 23.92 -4.62 18.60
C GLU A 15 23.95 -4.75 17.07
N GLU A 16 23.78 -5.95 16.55
CA GLU A 16 23.75 -6.15 15.09
C GLU A 16 22.35 -5.96 14.49
N MET A 17 21.33 -5.88 15.34
CA MET A 17 19.97 -5.62 14.91
C MET A 17 19.81 -4.16 14.47
N ARG A 18 18.91 -3.92 13.51
CA ARG A 18 18.62 -2.57 13.04
C ARG A 18 17.79 -1.79 14.04
N LYS A 19 18.10 -0.51 14.20
CA LYS A 19 17.26 0.34 15.01
C LYS A 19 17.32 1.76 14.52
N MET A 20 16.28 2.48 14.90
CA MET A 20 16.20 3.92 14.69
C MET A 20 17.09 4.65 15.69
N PRO A 21 17.57 5.87 15.33
CA PRO A 21 17.37 6.55 14.06
C PRO A 21 18.23 6.02 12.89
N ARG A 22 19.25 5.20 13.17
CA ARG A 22 20.25 4.85 12.16
C ARG A 22 19.61 4.21 10.92
N CYS A 23 18.65 3.31 11.14
CA CYS A 23 18.10 2.55 10.03
C CYS A 23 17.01 3.31 9.24
N GLY A 24 16.54 4.45 9.74
CA GLY A 24 15.35 5.08 9.17
C GLY A 24 15.46 5.58 7.74
N ILE A 25 14.35 5.52 7.01
CA ILE A 25 14.31 6.16 5.69
C ILE A 25 14.56 7.67 5.82
N HIS A 26 15.00 8.29 4.74
CA HIS A 26 14.97 9.75 4.66
C HIS A 26 13.51 10.17 4.57
N LEU A 27 13.05 10.98 5.50
CA LEU A 27 11.64 11.36 5.54
C LEU A 27 11.37 12.48 4.55
N PRO A 28 10.29 12.36 3.76
CA PRO A 28 9.85 13.53 2.99
C PRO A 28 9.39 14.67 3.89
N SER A 29 9.26 15.88 3.36
CA SER A 29 8.67 16.97 4.14
C SER A 29 7.34 16.50 4.71
N LEU A 30 7.12 16.80 5.98
CA LEU A 30 5.83 16.56 6.64
C LEU A 30 4.78 17.52 6.03
N ARG A 31 3.67 16.96 5.60
CA ARG A 31 2.58 17.76 5.02
C ARG A 31 1.29 17.01 5.21
N PRO A 32 0.18 17.75 5.27
CA PRO A 32 -1.10 17.06 5.29
C PRO A 32 -1.43 16.47 3.91
N SER A 33 -2.24 15.42 3.93
CA SER A 33 -2.69 14.75 2.73
C SER A 33 -4.06 14.13 3.05
N ALA A 34 -4.67 13.47 2.06
CA ALA A 34 -5.93 12.74 2.30
C ALA A 34 -5.69 11.60 3.31
N SER A 35 -4.47 11.10 3.37
CA SER A 35 -4.15 10.04 4.35
C SER A 35 -3.50 10.55 5.64
N HIS A 36 -3.30 11.85 5.79
CA HIS A 36 -2.49 12.34 6.88
C HIS A 36 -2.94 13.71 7.38
N THR A 37 -3.57 13.71 8.56
CA THR A 37 -3.95 14.91 9.25
C THR A 37 -2.74 15.42 10.04
N VAL A 38 -2.42 16.71 9.89
CA VAL A 38 -1.30 17.30 10.61
C VAL A 38 -1.77 18.60 11.21
N THR A 39 -1.71 18.72 12.54
CA THR A 39 -2.39 19.80 13.28
C THR A 39 -1.47 20.92 13.72
N VAL A 40 -0.30 20.98 13.10
CA VAL A 40 0.68 21.98 13.42
C VAL A 40 1.24 22.61 12.14
N ARG A 41 1.87 23.75 12.32
CA ARG A 41 2.45 24.51 11.23
C ARG A 41 3.76 23.83 10.87
N VAL A 42 3.73 23.08 9.80
CA VAL A 42 4.89 22.32 9.38
C VAL A 42 6.03 23.24 8.94
N ASP A 43 5.70 24.41 8.41
CA ASP A 43 6.74 25.34 7.94
C ASP A 43 7.46 26.05 9.10
N LEU A 44 6.81 26.09 10.25
CA LEU A 44 7.39 26.71 11.45
C LEU A 44 8.02 25.69 12.41
N LEU A 45 7.91 24.41 12.11
CA LEU A 45 8.43 23.36 13.02
C LEU A 45 9.96 23.48 13.14
N ARG A 46 10.45 23.70 14.36
CA ARG A 46 11.88 23.80 14.62
C ARG A 46 12.25 23.04 15.89
N ALA A 47 13.39 22.35 15.83
CA ALA A 47 13.92 21.58 16.98
C ALA A 47 13.99 22.45 18.23
N GLY A 48 13.35 21.98 19.30
CA GLY A 48 13.40 22.64 20.60
C GLY A 48 12.39 23.76 20.77
N GLU A 49 11.59 24.05 19.74
CA GLU A 49 10.56 25.07 19.87
C GLU A 49 9.18 24.40 19.85
N VAL A 50 8.29 24.92 20.68
CA VAL A 50 6.92 24.42 20.77
C VAL A 50 6.24 24.64 19.42
N PRO A 51 5.71 23.58 18.81
CA PRO A 51 5.04 23.75 17.52
C PRO A 51 3.83 24.70 17.60
N LYS A 52 3.61 25.44 16.53
CA LYS A 52 2.46 26.33 16.44
C LYS A 52 1.31 25.58 15.77
N PRO A 53 0.08 25.80 16.23
CA PRO A 53 -1.03 25.05 15.64
C PRO A 53 -1.44 25.59 14.24
N PHE A 54 -1.98 24.68 13.42
CA PHE A 54 -2.74 25.06 12.25
C PHE A 54 -4.13 24.44 12.36
N PRO A 55 -5.20 25.21 12.12
CA PRO A 55 -5.19 26.65 11.77
C PRO A 55 -4.81 27.56 12.94
N THR A 56 -4.60 28.85 12.67
CA THR A 56 -4.19 29.78 13.72
C THR A 56 -5.23 29.87 14.83
N HIS A 57 -6.51 29.83 14.48
CA HIS A 57 -7.59 29.93 15.46
C HIS A 57 -8.53 28.74 15.42
N TYR A 58 -9.18 28.51 16.54
CA TYR A 58 -10.03 27.34 16.69
C TYR A 58 -11.02 27.21 15.56
N LYS A 59 -11.08 26.03 14.98
CA LYS A 59 -12.16 25.65 14.08
C LYS A 59 -12.87 24.44 14.69
N ASP A 60 -14.19 24.48 14.75
CA ASP A 60 -14.97 23.39 15.32
C ASP A 60 -15.62 22.51 14.24
N LEU A 61 -15.62 21.20 14.47
CA LEU A 61 -16.52 20.28 13.78
C LEU A 61 -17.16 19.42 14.85
N TRP A 62 -18.50 19.38 14.83
CA TRP A 62 -19.30 18.55 15.74
C TRP A 62 -20.11 17.58 14.86
N ASP A 63 -19.53 16.42 14.58
CA ASP A 63 -20.15 15.47 13.64
C ASP A 63 -19.66 14.07 13.94
N ASN A 64 -20.09 13.10 13.14
CA ASN A 64 -19.72 11.71 13.40
C ASN A 64 -18.39 11.26 12.75
N LYS A 65 -17.58 12.22 12.29
CA LYS A 65 -16.27 11.94 11.69
C LYS A 65 -15.09 12.48 12.52
N HIS A 66 -15.38 13.21 13.59
CA HIS A 66 -14.38 13.95 14.32
C HIS A 66 -14.66 13.86 15.79
N VAL A 67 -13.60 14.04 16.56
CA VAL A 67 -13.72 14.20 18.02
C VAL A 67 -14.70 15.32 18.36
N LYS A 68 -15.58 15.03 19.32
CA LYS A 68 -16.48 16.02 19.86
C LYS A 68 -15.76 16.79 20.98
N MET A 69 -15.30 18.00 20.67
CA MET A 69 -14.45 18.74 21.56
C MET A 69 -15.24 19.40 22.68
N PRO A 70 -14.70 19.42 23.91
CA PRO A 70 -15.51 20.03 24.99
C PRO A 70 -15.72 21.52 24.80
N CYS A 71 -14.81 22.18 24.07
CA CYS A 71 -14.88 23.59 23.83
C CYS A 71 -15.76 23.96 22.61
N SER A 72 -16.48 22.99 22.04
CA SER A 72 -17.44 23.25 20.98
C SER A 72 -18.61 24.07 21.49
N GLU A 73 -19.05 25.03 20.68
CA GLU A 73 -20.30 25.73 20.95
C GLU A 73 -21.51 24.79 20.96
N GLN A 74 -21.38 23.62 20.33
CA GLN A 74 -22.46 22.64 20.31
C GLN A 74 -22.45 21.66 21.49
N ASN A 75 -21.51 21.87 22.41
CA ASN A 75 -21.45 21.13 23.64
C ASN A 75 -22.32 21.89 24.63
N LEU A 76 -23.57 21.44 24.79
CA LEU A 76 -24.57 22.17 25.54
C LEU A 76 -24.97 21.44 26.82
N TYR A 77 -25.58 22.16 27.76
CA TYR A 77 -25.90 21.64 29.10
C TYR A 77 -26.95 22.55 29.72
N PRO A 78 -27.90 21.96 30.48
CA PRO A 78 -28.87 22.81 31.19
C PRO A 78 -28.20 23.73 32.22
N VAL A 79 -28.52 25.03 32.19
CA VAL A 79 -27.99 26.01 33.15
C VAL A 79 -29.11 26.61 34.00
N THR A 87 -32.72 26.13 30.72
CA THR A 87 -32.37 26.37 29.32
C THR A 87 -30.98 25.83 28.97
N ALA A 88 -30.77 25.54 27.69
CA ALA A 88 -29.49 24.98 27.22
C ALA A 88 -28.41 26.05 27.20
N GLY A 89 -27.36 25.84 27.99
CA GLY A 89 -26.24 26.76 28.05
C GLY A 89 -24.94 26.10 27.62
N SER A 90 -23.89 26.91 27.54
CA SER A 90 -22.59 26.41 27.11
C SER A 90 -21.97 25.56 28.20
N ARG A 91 -21.71 24.29 27.88
CA ARG A 91 -21.01 23.42 28.79
C ARG A 91 -19.55 23.87 28.99
N TRP A 92 -18.90 24.38 27.95
CA TRP A 92 -17.51 24.84 28.11
C TRP A 92 -17.43 26.01 29.07
N GLU A 93 -18.40 26.91 29.02
CA GLU A 93 -18.42 28.03 29.98
C GLU A 93 -18.59 27.53 31.41
N LEU A 94 -19.43 26.50 31.58
CA LEU A 94 -19.58 25.86 32.87
C LEU A 94 -18.30 25.17 33.33
N ILE A 95 -17.62 24.48 32.43
CA ILE A 95 -16.33 23.83 32.71
C ILE A 95 -15.30 24.87 33.20
N GLN A 96 -15.21 26.01 32.51
CA GLN A 96 -14.27 27.08 32.89
C GLN A 96 -14.54 27.58 34.30
N THR A 97 -15.82 27.84 34.58
CA THR A 97 -16.26 28.35 35.87
C THR A 97 -16.00 27.35 37.00
N ALA A 98 -16.28 26.08 36.75
CA ALA A 98 -16.05 25.02 37.74
C ALA A 98 -14.58 24.87 38.10
N LEU A 99 -13.72 24.89 37.10
CA LEU A 99 -12.32 24.58 37.29
C LEU A 99 -11.47 25.76 37.72
N LEU A 100 -11.97 26.97 37.52
CA LEU A 100 -11.28 28.17 38.00
C LEU A 100 -11.65 28.52 39.46
N ASN A 101 -11.29 27.61 40.36
CA ASN A 101 -11.53 27.72 41.76
C ASN A 101 -10.34 27.14 42.49
N LYS A 102 -10.09 27.60 43.71
CA LYS A 102 -9.02 27.10 44.53
C LYS A 102 -9.37 25.68 45.01
N PHE A 103 -8.44 24.75 44.89
CA PHE A 103 -8.59 23.44 45.51
C PHE A 103 -7.68 23.37 46.74
N THR A 104 -8.23 22.97 47.87
CA THR A 104 -7.38 22.68 49.03
C THR A 104 -7.65 21.28 49.59
N ARG A 105 -8.84 20.75 49.30
CA ARG A 105 -9.24 19.45 49.81
C ARG A 105 -9.74 18.65 48.61
N PRO A 106 -9.59 17.33 48.68
CA PRO A 106 -9.95 16.52 47.51
C PRO A 106 -11.39 16.68 47.06
N GLN A 107 -12.33 16.77 48.00
CA GLN A 107 -13.73 17.00 47.63
C GLN A 107 -13.95 18.29 46.79
N ASN A 108 -13.08 19.30 46.96
CA ASN A 108 -13.11 20.49 46.07
C ASN A 108 -12.94 20.11 44.57
N LEU A 109 -12.07 19.13 44.28
CA LEU A 109 -11.83 18.69 42.90
C LEU A 109 -12.96 17.77 42.42
N LYS A 110 -13.41 16.90 43.31
CA LYS A 110 -14.61 16.11 43.02
C LYS A 110 -15.76 17.04 42.62
N ASP A 111 -16.06 18.03 43.45
CA ASP A 111 -17.26 18.84 43.25
C ASP A 111 -17.15 19.64 41.95
N ALA A 112 -15.93 20.06 41.63
CA ALA A 112 -15.64 20.74 40.37
C ALA A 112 -15.99 19.88 39.16
N ILE A 113 -15.43 18.66 39.14
CA ILE A 113 -15.65 17.74 38.04
C ILE A 113 -17.13 17.39 37.90
N LEU A 114 -17.82 17.22 39.03
CA LEU A 114 -19.24 16.86 38.98
C LEU A 114 -20.18 17.98 38.60
N LYS A 115 -19.71 19.23 38.62
CA LYS A 115 -20.59 20.32 38.19
C LYS A 115 -21.06 20.20 36.73
N TYR A 116 -20.19 19.70 35.86
CA TYR A 116 -20.57 19.49 34.46
C TYR A 116 -20.70 17.99 34.16
N ASN A 117 -20.88 17.18 35.20
CA ASN A 117 -21.11 15.73 35.05
C ASN A 117 -22.18 15.34 36.06
N VAL A 118 -23.23 16.14 36.15
CA VAL A 118 -24.26 15.97 37.19
C VAL A 118 -24.80 14.55 37.20
N ALA A 119 -25.08 14.00 36.02
CA ALA A 119 -25.67 12.67 35.89
C ALA A 119 -24.84 11.53 36.54
N TYR A 120 -23.54 11.75 36.76
CA TYR A 120 -22.65 10.74 37.34
C TYR A 120 -22.28 11.00 38.81
N SER A 121 -22.97 11.97 39.43
CA SER A 121 -22.80 12.31 40.86
C SER A 121 -22.81 11.10 41.81
N LYS A 122 -23.63 10.10 41.52
CA LYS A 122 -23.70 8.89 42.33
C LYS A 122 -22.81 7.79 41.81
N LYS A 123 -22.62 7.76 40.49
CA LYS A 123 -21.93 6.66 39.86
C LYS A 123 -20.42 6.76 39.96
N TRP A 124 -19.88 7.98 40.01
CA TRP A 124 -18.41 8.18 40.03
C TRP A 124 -17.95 8.31 41.48
N ASP A 125 -17.27 7.28 41.97
CA ASP A 125 -16.69 7.29 43.31
C ASP A 125 -15.33 8.00 43.23
N PHE A 126 -14.98 8.74 44.28
CA PHE A 126 -13.72 9.49 44.33
C PHE A 126 -12.86 9.06 45.54
N THR A 127 -13.11 7.86 46.05
CA THR A 127 -12.46 7.38 47.25
C THR A 127 -10.93 7.28 47.06
N ALA A 128 -10.49 6.88 45.88
CA ALA A 128 -9.06 6.70 45.62
C ALA A 128 -8.36 8.05 45.51
N LEU A 129 -9.02 9.03 44.89
CA LEU A 129 -8.53 10.41 44.91
C LEU A 129 -8.40 10.97 46.33
N VAL A 130 -9.44 10.77 47.15
CA VAL A 130 -9.45 11.30 48.50
C VAL A 130 -8.30 10.71 49.30
N ASP A 131 -8.20 9.38 49.28
CA ASP A 131 -7.18 8.66 50.03
C ASP A 131 -5.76 9.00 49.51
N PHE A 132 -5.61 9.22 48.21
CA PHE A 132 -4.30 9.63 47.67
C PHE A 132 -3.88 10.99 48.22
N TRP A 133 -4.83 11.92 48.20
CA TRP A 133 -4.62 13.29 48.62
C TRP A 133 -4.37 13.38 50.12
N ASP A 134 -5.19 12.67 50.89
CA ASP A 134 -5.18 12.76 52.34
C ASP A 134 -4.28 11.74 53.04
N LYS A 135 -4.02 10.60 52.42
CA LYS A 135 -3.31 9.51 53.11
C LYS A 135 -1.94 9.19 52.51
N VAL A 136 -1.88 9.04 51.20
CA VAL A 136 -0.63 8.68 50.53
C VAL A 136 0.35 9.85 50.49
N LEU A 137 -0.11 11.00 50.03
CA LEU A 137 0.73 12.18 49.99
C LEU A 137 0.99 12.79 51.36
N GLU A 138 2.22 13.21 51.58
CA GLU A 138 2.54 14.02 52.75
C GLU A 138 1.99 15.43 52.57
N GLU A 139 1.88 16.17 53.67
CA GLU A 139 1.25 17.50 53.64
C GLU A 139 1.86 18.38 52.55
N ALA A 140 3.18 18.43 52.50
CA ALA A 140 3.94 19.21 51.51
C ALA A 140 3.65 18.86 50.07
N GLU A 141 3.53 17.56 49.79
CA GLU A 141 3.30 17.08 48.44
C GLU A 141 1.87 17.38 48.01
N ALA A 142 0.90 17.17 48.91
CA ALA A 142 -0.49 17.55 48.66
C ALA A 142 -0.60 19.04 48.36
N GLN A 143 0.06 19.86 49.16
CA GLN A 143 0.08 21.30 48.94
C GLN A 143 0.59 21.65 47.57
N HIS A 144 1.70 21.05 47.18
CA HIS A 144 2.21 21.25 45.82
C HIS A 144 1.19 20.77 44.79
N LEU A 145 0.56 19.63 45.00
CA LEU A 145 -0.49 19.17 44.11
C LEU A 145 -1.54 20.24 43.89
N TYR A 146 -2.09 20.79 44.98
CA TYR A 146 -3.23 21.69 44.83
C TYR A 146 -2.88 23.15 44.60
N GLN A 147 -1.67 23.55 44.93
CA GLN A 147 -1.26 24.94 44.72
C GLN A 147 -0.60 25.12 43.35
N SER A 148 0.06 24.11 42.84
CA SER A 148 0.82 24.26 41.58
C SER A 148 0.32 23.35 40.47
N ILE A 149 0.41 22.05 40.70
CA ILE A 149 0.11 21.07 39.65
C ILE A 149 -1.32 21.19 39.10
N LEU A 150 -2.34 21.02 39.96
CA LEU A 150 -3.73 21.08 39.52
C LEU A 150 -4.13 22.42 38.85
N PRO A 151 -3.76 23.56 39.44
CA PRO A 151 -4.08 24.81 38.74
C PRO A 151 -3.37 24.93 37.40
N ASP A 152 -2.12 24.46 37.32
CA ASP A 152 -1.40 24.48 36.04
C ASP A 152 -2.09 23.56 35.04
N MET A 153 -2.60 22.42 35.52
CA MET A 153 -3.34 21.49 34.68
C MET A 153 -4.62 22.13 34.16
N VAL A 154 -5.31 22.89 35.03
CA VAL A 154 -6.55 23.57 34.63
C VAL A 154 -6.22 24.56 33.52
N LYS A 155 -5.15 25.32 33.73
CA LYS A 155 -4.75 26.31 32.74
C LYS A 155 -4.58 25.67 31.36
N ILE A 156 -3.83 24.57 31.24
CA ILE A 156 -3.62 23.95 29.92
C ILE A 156 -4.90 23.29 29.35
N ALA A 157 -5.73 22.75 30.24
CA ALA A 157 -7.04 22.22 29.84
C ALA A 157 -7.88 23.29 29.17
N LEU A 158 -8.02 24.43 29.82
CA LEU A 158 -8.89 25.49 29.33
C LEU A 158 -8.29 26.26 28.14
N CYS A 159 -7.01 26.03 27.86
CA CYS A 159 -6.39 26.57 26.64
C CYS A 159 -6.71 25.68 25.41
N LEU A 160 -7.46 24.59 25.59
CA LEU A 160 -7.72 23.64 24.50
C LEU A 160 -8.03 24.31 23.14
N PRO A 161 -9.05 25.17 23.09
CA PRO A 161 -9.40 25.70 21.76
C PRO A 161 -8.28 26.53 21.10
N ASN A 162 -7.39 27.12 21.90
CA ASN A 162 -6.26 27.86 21.36
C ASN A 162 -5.08 27.00 20.98
N ILE A 163 -5.09 25.78 21.49
CA ILE A 163 -3.99 24.85 21.36
C ILE A 163 -4.31 23.78 20.33
N CYS A 164 -5.50 23.17 20.46
CA CYS A 164 -6.04 22.21 19.48
C CYS A 164 -7.04 22.85 18.51
N THR A 165 -6.51 23.62 17.56
CA THR A 165 -7.35 24.47 16.73
C THR A 165 -8.01 23.68 15.60
N GLN A 166 -7.46 22.50 15.29
CA GLN A 166 -7.90 21.72 14.15
C GLN A 166 -8.72 20.51 14.56
N PRO A 167 -9.84 20.26 13.89
CA PRO A 167 -10.65 19.12 14.27
C PRO A 167 -9.87 17.81 14.14
N ILE A 168 -10.12 16.90 15.07
CA ILE A 168 -9.35 15.64 15.12
C ILE A 168 -10.24 14.56 14.54
N PRO A 169 -9.79 13.93 13.44
CA PRO A 169 -10.66 12.93 12.85
C PRO A 169 -10.67 11.64 13.66
N LEU A 170 -11.82 10.98 13.67
CA LEU A 170 -11.90 9.65 14.24
C LEU A 170 -11.18 8.67 13.32
N LEU A 171 -10.32 7.83 13.91
CA LEU A 171 -9.69 6.76 13.19
C LEU A 171 -10.60 5.53 13.28
N LYS A 172 -11.49 5.40 12.29
CA LYS A 172 -12.54 4.37 12.33
C LYS A 172 -12.03 3.11 11.75
N GLN A 173 -12.71 2.00 12.06
CA GLN A 173 -12.39 0.73 11.42
C GLN A 173 -12.26 0.88 9.89
N LYS A 174 -11.27 0.20 9.33
CA LYS A 174 -11.01 0.15 7.89
C LYS A 174 -10.21 1.36 7.38
N MET A 175 -10.08 2.42 8.17
CA MET A 175 -9.28 3.56 7.73
C MET A 175 -7.81 3.25 7.78
N ASN A 176 -7.08 3.67 6.75
CA ASN A 176 -5.64 3.73 6.77
C ASN A 176 -5.25 5.21 6.74
N HIS A 177 -4.97 5.75 7.91
CA HIS A 177 -4.88 7.17 8.09
C HIS A 177 -3.97 7.50 9.28
N SER A 178 -3.34 8.67 9.21
CA SER A 178 -2.40 9.12 10.25
C SER A 178 -2.82 10.47 10.74
N VAL A 179 -2.64 10.70 12.04
CA VAL A 179 -2.81 11.99 12.65
C VAL A 179 -1.51 12.31 13.39
N THR A 180 -0.97 13.49 13.10
CA THR A 180 0.26 13.94 13.71
C THR A 180 -0.05 15.23 14.42
N MET A 181 0.23 15.24 15.71
CA MET A 181 -0.01 16.38 16.57
C MET A 181 1.18 16.60 17.49
N SER A 182 1.22 17.77 18.12
CA SER A 182 2.28 18.08 19.04
C SER A 182 2.05 17.41 20.41
N GLN A 183 3.16 17.10 21.08
CA GLN A 183 3.11 16.76 22.52
C GLN A 183 2.35 17.80 23.35
N GLU A 184 2.55 19.08 23.01
CA GLU A 184 1.82 20.17 23.67
C GLU A 184 0.29 20.03 23.53
N GLN A 185 -0.15 19.69 22.32
CA GLN A 185 -1.55 19.52 22.03
C GLN A 185 -2.13 18.34 22.80
N ILE A 186 -1.36 17.27 22.84
CA ILE A 186 -1.71 16.08 23.61
C ILE A 186 -1.83 16.38 25.10
N ALA A 187 -0.90 17.15 25.66
CA ALA A 187 -0.99 17.54 27.08
C ALA A 187 -2.32 18.25 27.36
N SER A 188 -2.75 19.13 26.46
CA SER A 188 -3.99 19.81 26.68
C SER A 188 -5.16 18.84 26.66
N LEU A 189 -5.21 17.98 25.64
CA LEU A 189 -6.24 16.93 25.56
C LEU A 189 -6.25 16.04 26.79
N LEU A 190 -5.08 15.60 27.23
CA LEU A 190 -5.04 14.72 28.41
C LEU A 190 -5.44 15.41 29.72
N ALA A 191 -5.15 16.72 29.84
CA ALA A 191 -5.61 17.42 31.03
C ALA A 191 -7.17 17.47 31.03
N ASN A 192 -7.75 17.62 29.84
CA ASN A 192 -9.20 17.60 29.69
C ASN A 192 -9.76 16.27 30.09
N ALA A 193 -9.09 15.22 29.62
CA ALA A 193 -9.44 13.84 30.02
C ALA A 193 -9.38 13.66 31.53
N PHE A 194 -8.31 14.15 32.16
CA PHE A 194 -8.21 14.15 33.63
C PHE A 194 -9.41 14.79 34.34
N PHE A 195 -9.77 16.02 33.94
CA PHE A 195 -10.96 16.68 34.46
C PHE A 195 -12.29 16.16 33.89
N CYS A 196 -12.25 15.11 33.08
CA CYS A 196 -13.44 14.42 32.57
C CYS A 196 -14.34 15.33 31.75
N THR A 197 -13.74 16.09 30.85
CA THR A 197 -14.51 17.10 30.11
C THR A 197 -15.06 16.63 28.74
N PHE A 198 -14.66 15.47 28.25
CA PHE A 198 -15.08 15.01 26.90
C PHE A 198 -16.54 14.54 26.86
N PRO A 199 -17.37 15.23 26.07
CA PRO A 199 -18.81 14.91 26.03
C PRO A 199 -19.11 13.63 25.25
N ARG A 200 -20.24 12.99 25.60
CA ARG A 200 -20.72 11.77 24.96
C ARG A 200 -19.79 10.56 25.10
N ARG A 201 -18.87 10.60 26.05
CA ARG A 201 -17.92 9.50 26.26
C ARG A 201 -18.13 8.85 27.63
N ASN A 202 -19.30 9.03 28.24
CA ASN A 202 -19.50 8.61 29.64
C ASN A 202 -20.61 7.57 29.85
N ALA A 203 -21.77 7.77 29.22
CA ALA A 203 -22.92 6.87 29.42
C ALA A 203 -22.66 5.42 28.99
N LYS A 204 -23.18 4.48 29.76
CA LYS A 204 -22.94 3.06 29.48
C LYS A 204 -23.75 2.58 28.28
N MET A 205 -24.95 3.14 28.13
CA MET A 205 -25.78 2.93 26.94
C MET A 205 -25.45 3.95 25.84
N LYS A 206 -24.23 4.50 25.85
CA LYS A 206 -23.79 5.39 24.78
C LYS A 206 -23.89 4.69 23.44
N SER A 207 -24.16 5.48 22.42
CA SER A 207 -24.39 4.95 21.10
C SER A 207 -23.16 5.23 20.24
N GLU A 208 -22.87 6.50 19.99
CA GLU A 208 -21.90 6.84 18.97
C GLU A 208 -20.54 6.24 19.34
N TYR A 209 -20.20 6.31 20.62
CA TYR A 209 -18.87 5.92 21.07
C TYR A 209 -18.76 4.57 21.82
N SER A 210 -19.78 3.72 21.75
CA SER A 210 -19.65 2.35 22.31
C SER A 210 -18.51 1.52 21.72
N SER A 211 -18.08 1.85 20.51
CA SER A 211 -17.01 1.10 19.82
C SER A 211 -15.63 1.70 20.02
N TYR A 212 -15.55 2.68 20.92
CA TYR A 212 -14.31 3.33 21.31
C TYR A 212 -13.97 3.08 22.78
N PRO A 213 -12.68 3.17 23.12
CA PRO A 213 -12.30 3.10 24.53
C PRO A 213 -12.78 4.30 25.34
N ASP A 214 -12.79 4.14 26.65
CA ASP A 214 -12.99 5.27 27.56
C ASP A 214 -11.84 6.28 27.35
N ILE A 215 -12.11 7.55 27.54
CA ILE A 215 -11.06 8.59 27.54
C ILE A 215 -11.05 9.40 28.84
N ASN A 216 -12.22 9.74 29.40
CA ASN A 216 -12.24 10.48 30.66
C ASN A 216 -11.63 9.63 31.75
N PHE A 217 -10.92 10.27 32.69
CA PHE A 217 -10.19 9.57 33.76
C PHE A 217 -11.00 9.29 35.04
N ASN A 218 -12.32 9.32 34.97
CA ASN A 218 -13.12 9.16 36.20
C ASN A 218 -12.77 7.93 37.03
N ARG A 219 -12.52 6.80 36.38
CA ARG A 219 -12.21 5.55 37.10
C ARG A 219 -10.85 5.58 37.82
N LEU A 220 -9.98 6.51 37.45
CA LEU A 220 -8.73 6.71 38.18
C LEU A 220 -8.99 7.10 39.62
N PHE A 221 -10.12 7.76 39.87
CA PHE A 221 -10.44 8.26 41.19
C PHE A 221 -11.24 7.28 42.07
N GLU A 222 -11.65 6.13 41.53
CA GLU A 222 -12.62 5.27 42.25
C GLU A 222 -12.03 4.10 43.08
N GLY A 223 -12.80 3.62 44.06
CA GLY A 223 -12.46 2.39 44.80
C GLY A 223 -11.33 2.50 45.81
N ARG A 224 -10.80 1.35 46.22
CA ARG A 224 -9.82 1.24 47.32
C ARG A 224 -8.55 0.49 46.93
N SER A 225 -8.38 0.21 45.64
CA SER A 225 -7.25 -0.58 45.18
C SER A 225 -5.95 0.13 45.51
N SER A 226 -4.97 -0.62 45.98
CA SER A 226 -3.65 -0.06 46.28
C SER A 226 -2.96 0.35 44.99
N ARG A 227 -3.49 -0.10 43.87
CA ARG A 227 -3.00 0.30 42.55
C ARG A 227 -3.21 1.76 42.22
N LYS A 228 -4.37 2.29 42.59
CA LYS A 228 -4.78 3.64 42.18
C LYS A 228 -3.75 4.72 42.51
N PRO A 229 -3.23 4.73 43.75
CA PRO A 229 -2.24 5.77 44.05
C PRO A 229 -1.00 5.70 43.15
N GLU A 230 -0.63 4.51 42.71
CA GLU A 230 0.54 4.35 41.82
C GLU A 230 0.26 4.88 40.40
N LYS A 231 -0.97 4.70 39.93
CA LYS A 231 -1.37 5.28 38.66
C LYS A 231 -1.41 6.80 38.77
N LEU A 232 -1.95 7.29 39.88
CA LEU A 232 -2.03 8.73 40.12
C LEU A 232 -0.65 9.35 40.18
N LYS A 233 0.30 8.73 40.85
CA LYS A 233 1.66 9.25 40.93
C LYS A 233 2.27 9.29 39.53
N THR A 234 2.05 8.23 38.78
CA THR A 234 2.60 8.12 37.44
C THR A 234 2.04 9.19 36.51
N LEU A 235 0.73 9.42 36.56
CA LEU A 235 0.13 10.46 35.72
C LEU A 235 0.46 11.89 36.20
N PHE A 236 0.46 12.12 37.52
CA PHE A 236 0.84 13.43 38.04
C PHE A 236 2.31 13.74 37.75
N CYS A 237 3.17 12.72 37.71
CA CYS A 237 4.57 12.88 37.23
C CYS A 237 4.61 13.52 35.84
N TYR A 238 3.86 12.93 34.91
CA TYR A 238 3.65 13.48 33.56
C TYR A 238 3.14 14.91 33.54
N PHE A 239 2.01 15.15 34.22
CA PHE A 239 1.40 16.48 34.21
C PHE A 239 2.29 17.56 34.77
N ARG A 240 3.07 17.23 35.81
CA ARG A 240 4.03 18.17 36.40
C ARG A 240 5.12 18.51 35.38
N ARG A 241 5.57 17.50 34.64
CA ARG A 241 6.67 17.71 33.67
C ARG A 241 6.20 18.66 32.58
N VAL A 242 5.06 18.37 31.98
CA VAL A 242 4.60 19.14 30.81
C VAL A 242 4.12 20.54 31.17
N THR A 243 3.59 20.72 32.38
CA THR A 243 3.22 22.04 32.87
C THR A 243 4.43 22.88 33.28
N GLU A 244 5.50 22.25 33.75
CA GLU A 244 6.71 22.96 34.15
C GLU A 244 7.57 23.31 32.93
N LYS A 245 7.61 22.40 31.96
CA LYS A 245 8.43 22.61 30.76
C LYS A 245 7.69 22.01 29.57
N LYS A 246 7.16 22.89 28.72
CA LYS A 246 6.33 22.48 27.62
C LYS A 246 7.12 21.57 26.68
N PRO A 247 6.53 20.45 26.30
CA PRO A 247 7.22 19.58 25.35
C PRO A 247 7.16 20.14 23.93
N THR A 248 8.17 19.79 23.13
CA THR A 248 8.40 20.42 21.84
C THR A 248 8.22 19.50 20.64
N GLY A 249 8.10 18.18 20.88
CA GLY A 249 8.03 17.24 19.81
C GLY A 249 6.64 16.95 19.24
N LEU A 250 6.61 16.10 18.20
CA LEU A 250 5.36 15.64 17.61
C LEU A 250 5.19 14.13 17.84
N VAL A 251 3.95 13.70 17.72
CA VAL A 251 3.60 12.29 17.84
C VAL A 251 2.66 11.95 16.67
N THR A 252 2.90 10.81 15.99
CA THR A 252 2.04 10.32 14.92
C THR A 252 1.28 9.07 15.40
N PHE A 253 -0.02 9.10 15.19
CA PHE A 253 -0.90 7.96 15.41
C PHE A 253 -1.41 7.47 14.03
N THR A 254 -1.09 6.22 13.70
CA THR A 254 -1.47 5.64 12.43
C THR A 254 -2.31 4.39 12.60
N ARG A 255 -3.53 4.41 12.08
CA ARG A 255 -4.32 3.16 11.95
C ARG A 255 -3.97 2.47 10.65
N GLN A 256 -3.64 1.20 10.73
CA GLN A 256 -3.31 0.39 9.59
C GLN A 256 -4.25 -0.80 9.55
N SER A 257 -4.92 -0.95 8.41
CA SER A 257 -5.87 -2.02 8.16
C SER A 257 -5.56 -2.64 6.80
N LEU A 258 -5.16 -3.91 6.80
CA LEU A 258 -4.83 -4.63 5.59
C LEU A 258 -5.96 -5.54 5.23
N GLU A 259 -6.28 -5.63 3.92
CA GLU A 259 -7.26 -6.60 3.47
C GLU A 259 -6.61 -7.88 2.94
N ASP A 260 -5.36 -7.78 2.47
CA ASP A 260 -4.68 -8.90 1.88
C ASP A 260 -3.48 -9.27 2.73
N PHE A 261 -3.26 -10.58 2.84
CA PHE A 261 -2.22 -11.14 3.69
C PHE A 261 -1.43 -12.21 2.95
N PRO A 262 -0.26 -12.58 3.50
CA PRO A 262 0.55 -13.64 2.89
C PRO A 262 -0.22 -14.94 2.67
N GLU A 263 0.17 -15.69 1.64
CA GLU A 263 -0.37 -17.03 1.42
C GLU A 263 0.48 -17.97 2.28
N TRP A 264 0.10 -18.10 3.54
CA TRP A 264 0.96 -18.63 4.58
C TRP A 264 1.46 -20.02 4.25
N GLU A 265 0.58 -20.85 3.70
CA GLU A 265 0.91 -22.20 3.33
C GLU A 265 1.94 -22.27 2.17
N ARG A 266 2.11 -21.21 1.39
CA ARG A 266 3.05 -21.22 0.27
C ARG A 266 4.16 -20.17 0.33
N CYS A 267 4.17 -19.34 1.38
CA CYS A 267 5.10 -18.23 1.51
C CYS A 267 6.55 -18.71 1.44
N GLU A 268 7.33 -18.12 0.55
CA GLU A 268 8.70 -18.55 0.34
C GLU A 268 9.74 -17.67 1.03
N LYS A 269 9.31 -16.77 1.89
CA LYS A 269 10.26 -15.90 2.54
C LYS A 269 11.00 -16.65 3.64
N PRO A 270 12.34 -16.45 3.73
CA PRO A 270 13.10 -17.11 4.78
C PRO A 270 12.85 -16.50 6.17
N LEU A 271 13.10 -17.28 7.21
CA LEU A 271 13.18 -16.75 8.59
C LEU A 271 14.27 -15.70 8.65
N THR A 272 14.10 -14.75 9.56
CA THR A 272 15.04 -13.64 9.76
C THR A 272 15.86 -13.87 11.02
N ARG A 273 16.53 -12.84 11.53
CA ARG A 273 17.42 -13.01 12.68
C ARG A 273 16.62 -13.00 13.97
N LEU A 274 17.12 -13.70 14.98
CA LEU A 274 16.55 -13.71 16.32
C LEU A 274 17.60 -13.40 17.36
N HIS A 275 17.24 -12.53 18.28
CA HIS A 275 17.96 -12.36 19.52
C HIS A 275 16.94 -12.66 20.60
N VAL A 276 17.22 -13.61 21.48
CA VAL A 276 16.22 -13.95 22.52
C VAL A 276 16.89 -13.94 23.88
N THR A 277 16.15 -13.43 24.87
CA THR A 277 16.72 -13.19 26.18
C THR A 277 15.66 -13.18 27.24
N TYR A 278 16.04 -13.70 28.41
CA TYR A 278 15.14 -13.76 29.57
C TYR A 278 15.29 -12.60 30.50
N GLU A 279 16.24 -11.73 30.17
CA GLU A 279 16.50 -10.48 30.92
C GLU A 279 16.16 -9.30 30.03
N GLY A 280 16.01 -8.13 30.63
CA GLY A 280 15.70 -6.91 29.87
C GLY A 280 14.23 -6.64 29.63
N THR A 281 13.95 -5.43 29.14
CA THR A 281 12.61 -4.99 28.85
C THR A 281 12.47 -4.51 27.41
N ILE A 282 11.24 -4.57 26.89
CA ILE A 282 10.94 -4.04 25.56
C ILE A 282 11.30 -2.54 25.50
N GLU A 283 10.76 -1.77 26.45
CA GLU A 283 10.97 -0.31 26.44
C GLU A 283 12.39 0.13 26.78
N GLY A 284 13.13 -0.69 27.51
CA GLY A 284 14.50 -0.37 27.89
C GLY A 284 15.56 -0.88 26.93
N ASN A 285 15.49 -2.17 26.63
CA ASN A 285 16.51 -2.81 25.80
C ASN A 285 16.15 -2.85 24.31
N GLY A 286 14.88 -2.57 23.99
CA GLY A 286 14.42 -2.45 22.60
C GLY A 286 14.30 -1.00 22.12
N ARG A 287 15.10 -0.11 22.68
CA ARG A 287 15.16 1.29 22.25
C ARG A 287 15.44 1.34 20.74
N GLY A 288 14.63 2.10 19.99
CA GLY A 288 14.83 2.30 18.54
C GLY A 288 14.29 1.18 17.68
N MET A 289 13.68 0.19 18.32
CA MET A 289 13.08 -0.93 17.66
C MET A 289 11.56 -0.82 17.74
N LEU A 290 10.89 -1.60 16.91
CA LEU A 290 9.44 -1.61 16.86
C LEU A 290 8.94 -2.35 18.07
N GLN A 291 8.35 -1.64 19.01
CA GLN A 291 8.02 -2.21 20.30
C GLN A 291 6.56 -2.62 20.33
N VAL A 292 6.32 -3.88 20.68
CA VAL A 292 4.98 -4.39 20.61
C VAL A 292 4.26 -4.11 21.92
N ASP A 293 3.09 -3.54 21.81
CA ASP A 293 2.15 -3.39 22.95
C ASP A 293 1.16 -4.55 22.86
N PHE A 294 1.17 -5.39 23.89
CA PHE A 294 0.20 -6.48 23.99
C PHE A 294 -1.15 -5.88 24.29
N ALA A 295 -1.81 -5.39 23.25
CA ALA A 295 -2.98 -4.52 23.39
C ALA A 295 -4.28 -5.25 23.72
N ASN A 296 -5.23 -4.54 24.33
CA ASN A 296 -6.62 -4.90 24.19
C ASN A 296 -7.12 -4.25 22.90
N ARG A 297 -8.11 -4.88 22.26
CA ARG A 297 -8.66 -4.36 20.98
C ARG A 297 -9.20 -2.93 21.15
N PHE A 298 -9.70 -2.61 22.36
CA PHE A 298 -9.91 -1.21 22.81
C PHE A 298 -8.59 -0.69 23.32
N VAL A 299 -7.82 -0.04 22.47
CA VAL A 299 -6.42 0.14 22.79
C VAL A 299 -6.27 0.81 24.17
N GLY A 300 -5.26 0.35 24.89
CA GLY A 300 -4.94 0.82 26.24
C GLY A 300 -5.62 0.02 27.34
N GLY A 301 -6.76 -0.60 27.02
CA GLY A 301 -7.50 -1.41 27.98
C GLY A 301 -7.84 -0.60 29.20
N GLY A 302 -7.68 -1.17 30.39
CA GLY A 302 -8.10 -0.49 31.61
C GLY A 302 -7.07 0.47 32.21
N VAL A 303 -6.51 1.38 31.41
CA VAL A 303 -5.39 2.21 31.88
C VAL A 303 -5.73 3.02 33.15
N THR A 304 -6.95 3.51 33.26
CA THR A 304 -7.40 4.17 34.50
C THR A 304 -8.24 3.25 35.38
N GLY A 305 -8.52 2.04 34.91
CA GLY A 305 -9.27 1.06 35.71
C GLY A 305 -8.35 0.20 36.58
N ALA A 306 -8.72 -1.06 36.75
CA ALA A 306 -7.96 -2.01 37.58
C ALA A 306 -6.66 -2.49 36.91
N GLY A 307 -6.63 -2.54 35.59
CA GLY A 307 -5.57 -3.24 34.88
C GLY A 307 -4.20 -2.60 35.04
N LEU A 308 -3.19 -3.42 35.29
CA LEU A 308 -1.81 -2.90 35.38
C LEU A 308 -0.79 -3.90 34.84
N VAL A 309 -1.09 -4.49 33.67
CA VAL A 309 -0.16 -5.39 32.98
C VAL A 309 0.57 -4.63 31.88
N GLN A 310 1.20 -5.36 30.95
CA GLN A 310 2.17 -4.76 30.01
C GLN A 310 1.61 -3.51 29.33
N GLU A 311 0.37 -3.57 28.80
CA GLU A 311 -0.19 -2.42 28.09
C GLU A 311 -0.39 -1.18 28.94
N GLN A 312 -1.11 -1.35 30.06
CA GLN A 312 -1.43 -0.24 30.95
C GLN A 312 -0.17 0.42 31.49
N ILE A 313 0.82 -0.41 31.78
CA ILE A 313 2.08 0.10 32.30
C ILE A 313 2.68 1.05 31.28
N ARG A 314 2.68 0.61 30.02
CA ARG A 314 3.26 1.42 28.96
C ARG A 314 2.46 2.70 28.73
N PHE A 315 1.12 2.60 28.75
CA PHE A 315 0.25 3.77 28.63
C PHE A 315 0.43 4.73 29.80
N LEU A 316 0.88 4.23 30.96
CA LEU A 316 1.10 5.11 32.12
C LEU A 316 2.46 5.79 32.09
N ILE A 317 3.50 5.07 31.71
CA ILE A 317 4.85 5.67 31.66
C ILE A 317 5.11 6.52 30.40
N ASN A 318 4.41 6.22 29.33
CA ASN A 318 4.32 7.08 28.13
C ASN A 318 2.87 7.55 27.95
N PRO A 319 2.42 8.49 28.80
CA PRO A 319 0.99 8.82 28.87
C PRO A 319 0.45 9.38 27.58
N GLU A 320 1.32 9.89 26.70
CA GLU A 320 0.85 10.40 25.44
C GLU A 320 0.15 9.31 24.62
N LEU A 321 0.49 8.04 24.87
CA LEU A 321 -0.26 6.96 24.29
C LEU A 321 -1.76 6.97 24.62
N ILE A 322 -2.11 7.46 25.81
CA ILE A 322 -3.54 7.45 26.28
C ILE A 322 -4.43 8.25 25.34
N VAL A 323 -3.87 9.26 24.68
CA VAL A 323 -4.72 10.12 23.84
C VAL A 323 -5.24 9.36 22.63
N SER A 324 -4.63 8.21 22.27
CA SER A 324 -5.16 7.44 21.16
C SER A 324 -6.59 6.99 21.46
N ARG A 325 -6.95 6.89 22.73
CA ARG A 325 -8.30 6.48 23.11
C ARG A 325 -9.36 7.50 22.76
N LEU A 326 -8.94 8.77 22.63
CA LEU A 326 -9.85 9.79 22.18
C LEU A 326 -10.45 9.56 20.78
N PHE A 327 -9.65 8.98 19.87
CA PHE A 327 -9.99 8.87 18.46
C PHE A 327 -9.80 7.50 17.79
N THR A 328 -9.40 6.47 18.52
CA THR A 328 -9.11 5.17 17.91
C THR A 328 -10.21 4.16 18.18
N GLU A 329 -11.01 3.87 17.16
CA GLU A 329 -12.07 2.86 17.23
C GLU A 329 -11.50 1.48 17.53
N VAL A 330 -12.30 0.68 18.24
CA VAL A 330 -11.85 -0.68 18.54
C VAL A 330 -11.23 -1.36 17.30
N LEU A 331 -10.10 -2.05 17.48
CA LEU A 331 -9.43 -2.75 16.36
C LEU A 331 -10.18 -4.01 15.91
N ASP A 332 -10.38 -4.15 14.61
CA ASP A 332 -10.86 -5.40 14.02
C ASP A 332 -9.68 -6.33 13.78
N HIS A 333 -9.95 -7.59 13.41
CA HIS A 333 -8.91 -8.61 13.30
C HIS A 333 -7.70 -8.20 12.42
N ASN A 334 -7.95 -7.37 11.44
CA ASN A 334 -6.89 -7.07 10.44
C ASN A 334 -6.29 -5.68 10.64
N GLU A 335 -6.38 -5.16 11.87
CA GLU A 335 -5.97 -3.78 12.16
C GLU A 335 -4.98 -3.67 13.30
N CYS A 336 -4.22 -2.56 13.29
CA CYS A 336 -3.36 -2.20 14.36
C CYS A 336 -3.27 -0.69 14.45
N LEU A 337 -2.66 -0.22 15.53
CA LEU A 337 -2.38 1.22 15.74
C LEU A 337 -0.89 1.37 15.97
N ILE A 338 -0.26 2.22 15.17
CA ILE A 338 1.14 2.49 15.23
C ILE A 338 1.35 3.95 15.74
N ILE A 339 2.09 4.09 16.83
CA ILE A 339 2.34 5.39 17.47
C ILE A 339 3.85 5.67 17.50
N THR A 340 4.23 6.75 16.86
CA THR A 340 5.63 7.14 16.76
C THR A 340 5.82 8.48 17.46
N GLY A 341 6.73 8.51 18.45
CA GLY A 341 7.16 9.75 19.06
C GLY A 341 6.82 9.96 20.52
N THR A 342 6.15 9.00 21.15
CA THR A 342 5.83 9.20 22.56
C THR A 342 7.09 9.19 23.41
N GLU A 343 7.04 10.00 24.46
CA GLU A 343 8.13 10.18 25.40
C GLU A 343 7.87 9.39 26.67
N GLN A 344 8.93 8.80 27.21
CA GLN A 344 8.80 8.18 28.54
C GLN A 344 8.99 9.21 29.64
N TYR A 345 7.98 9.36 30.50
CA TYR A 345 8.02 10.36 31.60
C TYR A 345 8.31 9.79 32.99
N SER A 346 8.12 8.48 33.17
CA SER A 346 8.26 7.85 34.46
C SER A 346 9.09 6.58 34.36
N GLU A 347 9.67 6.21 35.49
CA GLU A 347 10.23 4.88 35.70
C GLU A 347 9.40 4.17 36.79
N TYR A 348 9.42 2.85 36.76
CA TYR A 348 8.62 2.05 37.66
C TYR A 348 9.42 0.81 38.07
N THR A 349 8.93 0.16 39.11
CA THR A 349 9.43 -1.15 39.51
C THR A 349 8.23 -2.06 39.57
N GLY A 350 8.46 -3.36 39.46
CA GLY A 350 7.42 -4.38 39.62
C GLY A 350 6.49 -4.50 38.45
N TYR A 351 5.32 -5.09 38.71
CA TYR A 351 4.35 -5.41 37.69
C TYR A 351 3.01 -5.74 38.33
N ALA A 352 1.93 -5.41 37.65
CA ALA A 352 0.58 -5.72 38.14
C ALA A 352 0.45 -5.30 39.59
N GLU A 353 0.26 -6.25 40.51
CA GLU A 353 0.01 -5.90 41.92
C GLU A 353 1.23 -5.33 42.65
N THR A 354 2.42 -5.54 42.09
CA THR A 354 3.65 -5.00 42.66
C THR A 354 4.13 -3.72 41.96
N TYR A 355 3.35 -3.21 41.00
CA TYR A 355 3.78 -2.02 40.25
C TYR A 355 3.91 -0.87 41.21
N ARG A 356 5.00 -0.13 41.09
CA ARG A 356 5.15 1.12 41.84
C ARG A 356 5.78 2.19 40.98
N TRP A 357 5.27 3.42 41.07
CA TRP A 357 5.98 4.56 40.48
C TRP A 357 7.30 4.70 41.22
N ALA A 358 8.41 4.84 40.49
CA ALA A 358 9.72 4.92 41.14
C ALA A 358 10.28 6.33 41.11
N ARG A 359 10.26 6.97 39.93
CA ARG A 359 10.85 8.30 39.76
C ARG A 359 10.52 8.86 38.37
N SER A 360 10.79 10.15 38.17
CA SER A 360 10.70 10.75 36.84
C SER A 360 11.74 10.14 35.93
N HIS A 361 11.43 10.10 34.64
CA HIS A 361 12.39 9.67 33.64
C HIS A 361 12.67 10.86 32.74
N GLU A 362 13.94 11.08 32.45
CA GLU A 362 14.34 12.12 31.54
C GLU A 362 14.72 11.44 30.22
N ASP A 363 13.81 11.49 29.25
CA ASP A 363 13.89 10.68 28.03
C ASP A 363 14.98 11.28 27.15
N GLY A 364 16.03 10.52 26.90
CA GLY A 364 17.17 11.02 26.11
C GLY A 364 17.14 10.54 24.66
N SER A 365 15.99 10.06 24.20
CA SER A 365 15.86 9.58 22.80
C SER A 365 16.08 10.71 21.80
N GLU A 366 16.69 10.36 20.67
CA GLU A 366 16.82 11.29 19.55
C GLU A 366 15.46 11.51 18.90
N LYS A 367 15.33 12.61 18.18
CA LYS A 367 14.13 12.91 17.39
C LYS A 367 14.43 12.75 15.90
N ASP A 368 13.45 12.29 15.14
CA ASP A 368 13.57 12.30 13.66
C ASP A 368 13.35 13.69 13.08
N ASP A 369 13.33 13.77 11.75
CA ASP A 369 13.21 15.01 11.03
C ASP A 369 11.83 15.65 11.13
N TRP A 370 10.84 14.92 11.62
CA TRP A 370 9.55 15.52 12.01
C TRP A 370 9.43 15.83 13.51
N GLN A 371 10.57 15.88 14.18
CA GLN A 371 10.65 16.12 15.64
C GLN A 371 9.84 15.13 16.45
N ARG A 372 9.82 13.89 15.97
CA ARG A 372 9.25 12.77 16.69
C ARG A 372 10.36 11.95 17.30
N ARG A 373 10.24 11.71 18.60
CA ARG A 373 11.19 10.82 19.29
C ARG A 373 11.24 9.49 18.59
N CYS A 374 12.43 8.91 18.52
CA CYS A 374 12.62 7.62 17.87
C CYS A 374 12.15 6.52 18.77
N THR A 375 10.84 6.52 19.00
CA THR A 375 10.18 5.50 19.81
C THR A 375 8.90 5.16 19.07
N GLU A 376 8.82 3.91 18.60
CA GLU A 376 7.71 3.44 17.79
C GLU A 376 7.08 2.27 18.49
N ILE A 377 5.79 2.39 18.75
CA ILE A 377 5.03 1.38 19.49
C ILE A 377 3.86 0.92 18.63
N VAL A 378 3.60 -0.42 18.58
CA VAL A 378 2.48 -0.93 17.85
C VAL A 378 1.54 -1.72 18.77
N ALA A 379 0.27 -1.34 18.79
CA ALA A 379 -0.77 -2.04 19.54
C ALA A 379 -1.37 -3.11 18.65
N ILE A 380 -1.19 -4.36 19.04
CA ILE A 380 -1.79 -5.51 18.36
C ILE A 380 -2.38 -6.37 19.45
N ASP A 381 -3.67 -6.61 19.33
CA ASP A 381 -4.41 -7.41 20.32
C ASP A 381 -4.41 -8.89 19.97
N ALA A 382 -3.88 -9.73 20.86
CA ALA A 382 -4.00 -11.14 20.70
C ALA A 382 -5.42 -11.54 21.06
N LEU A 383 -5.85 -12.65 20.50
CA LEU A 383 -7.06 -13.33 20.99
C LEU A 383 -6.86 -13.93 22.39
N HIS A 384 -7.96 -14.05 23.12
CA HIS A 384 -7.98 -14.79 24.36
C HIS A 384 -8.42 -16.21 24.02
N PHE A 385 -7.82 -17.18 24.68
CA PHE A 385 -8.13 -18.57 24.44
C PHE A 385 -8.65 -19.20 25.73
N ARG A 386 -9.97 -19.19 25.89
CA ARG A 386 -10.62 -19.83 27.04
C ARG A 386 -10.69 -21.35 26.96
N ARG A 387 -10.42 -21.88 25.76
CA ARG A 387 -10.16 -23.32 25.57
C ARG A 387 -8.84 -23.42 24.84
N TYR A 388 -7.86 -24.02 25.52
CA TYR A 388 -6.48 -24.06 25.08
C TYR A 388 -6.26 -24.49 23.62
N LEU A 389 -6.85 -25.61 23.22
CA LEU A 389 -6.65 -26.15 21.88
C LEU A 389 -7.20 -25.25 20.76
N ASP A 390 -8.08 -24.29 21.06
CA ASP A 390 -8.64 -23.45 20.01
C ASP A 390 -7.55 -22.76 19.19
N GLN A 391 -6.41 -22.50 19.82
CA GLN A 391 -5.41 -21.66 19.19
C GLN A 391 -4.57 -22.37 18.15
N PHE A 392 -4.63 -23.70 18.18
CA PHE A 392 -3.96 -24.53 17.18
C PHE A 392 -4.80 -24.73 15.93
N VAL A 393 -6.09 -24.42 15.99
CA VAL A 393 -6.94 -24.53 14.81
C VAL A 393 -6.42 -23.57 13.75
N PRO A 394 -6.31 -24.02 12.49
CA PRO A 394 -5.62 -23.20 11.48
C PRO A 394 -6.16 -21.78 11.30
N GLU A 395 -7.49 -21.62 11.42
CA GLU A 395 -8.17 -20.33 11.36
C GLU A 395 -7.62 -19.40 12.43
N LYS A 396 -7.31 -19.95 13.60
CA LYS A 396 -6.82 -19.13 14.70
C LYS A 396 -5.30 -18.87 14.58
N VAL A 397 -4.55 -19.84 14.14
CA VAL A 397 -3.13 -19.57 13.75
C VAL A 397 -3.07 -18.42 12.73
N ARG A 398 -3.88 -18.48 11.67
CA ARG A 398 -3.88 -17.45 10.64
C ARG A 398 -4.30 -16.12 11.20
N ARG A 399 -5.33 -16.09 12.06
CA ARG A 399 -5.72 -14.83 12.66
C ARG A 399 -4.56 -14.17 13.38
N GLU A 400 -3.82 -14.91 14.18
CA GLU A 400 -2.74 -14.31 14.96
C GLU A 400 -1.55 -13.95 14.06
N LEU A 401 -1.29 -14.78 13.07
CA LEU A 401 -0.25 -14.43 12.05
C LEU A 401 -0.57 -13.11 11.36
N ASN A 402 -1.83 -12.93 10.99
CA ASN A 402 -2.28 -11.79 10.24
C ASN A 402 -2.26 -10.52 11.07
N LYS A 403 -2.71 -10.63 12.33
CA LYS A 403 -2.61 -9.54 13.29
C LYS A 403 -1.18 -9.10 13.51
N ALA A 404 -0.31 -10.05 13.76
CA ALA A 404 1.12 -9.69 13.95
C ALA A 404 1.70 -9.10 12.69
N TYR A 405 1.37 -9.71 11.54
CA TYR A 405 1.89 -9.23 10.24
C TYR A 405 1.50 -7.79 10.01
N CYS A 406 0.23 -7.47 10.33
CA CYS A 406 -0.27 -6.12 10.16
C CYS A 406 0.45 -5.13 11.06
N GLY A 407 0.77 -5.55 12.28
CA GLY A 407 1.54 -4.75 13.21
C GLY A 407 2.98 -4.51 12.75
N PHE A 408 3.53 -5.40 11.94
CA PHE A 408 4.95 -5.32 11.55
C PHE A 408 5.23 -4.74 10.18
N LEU A 409 4.29 -4.93 9.26
CA LEU A 409 4.47 -4.55 7.87
C LEU A 409 4.41 -3.04 7.71
N ARG A 410 5.36 -2.48 6.99
CA ARG A 410 5.34 -1.07 6.63
C ARG A 410 5.33 -0.89 5.11
N PRO A 411 4.12 -0.81 4.52
CA PRO A 411 4.01 -0.70 3.06
C PRO A 411 4.84 0.43 2.49
N GLY A 412 5.64 0.12 1.49
CA GLY A 412 6.43 1.15 0.80
C GLY A 412 7.82 1.32 1.36
N VAL A 413 8.11 0.67 2.48
CA VAL A 413 9.38 0.89 3.16
C VAL A 413 10.32 -0.27 2.94
N PRO A 414 11.52 -0.01 2.39
CA PRO A 414 12.49 -1.08 2.21
C PRO A 414 12.84 -1.78 3.52
N SER A 415 13.07 -3.09 3.45
CA SER A 415 13.30 -3.89 4.65
C SER A 415 14.55 -3.45 5.40
N GLU A 416 15.58 -3.03 4.66
CA GLU A 416 16.80 -2.57 5.30
C GLU A 416 16.58 -1.26 6.11
N ASN A 417 15.45 -0.58 5.90
CA ASN A 417 15.10 0.59 6.67
C ASN A 417 14.11 0.26 7.79
N LEU A 418 13.90 -1.03 8.06
CA LEU A 418 13.06 -1.43 9.20
C LEU A 418 13.87 -1.94 10.38
N SER A 419 13.56 -1.40 11.54
CA SER A 419 14.15 -1.85 12.80
C SER A 419 13.66 -3.26 13.12
N ALA A 420 14.41 -3.95 13.97
CA ALA A 420 13.97 -5.24 14.51
C ALA A 420 12.65 -5.02 15.30
N VAL A 421 11.88 -6.09 15.47
CA VAL A 421 10.67 -6.04 16.27
C VAL A 421 11.04 -6.48 17.69
N ALA A 422 10.76 -5.64 18.68
CA ALA A 422 10.98 -5.95 20.08
C ALA A 422 9.68 -6.44 20.71
N THR A 423 9.62 -7.72 21.00
CA THR A 423 8.37 -8.31 21.48
C THR A 423 8.64 -9.36 22.56
N GLY A 424 7.56 -10.00 23.02
CA GLY A 424 7.66 -11.08 23.95
C GLY A 424 6.43 -11.98 23.91
N ASN A 425 6.05 -12.49 25.09
CA ASN A 425 4.97 -13.47 25.20
C ASN A 425 3.58 -12.86 25.08
N TRP A 426 3.26 -12.47 23.87
CA TRP A 426 2.00 -11.78 23.48
C TRP A 426 0.74 -12.62 23.73
N GLY A 427 -0.17 -12.15 24.57
CA GLY A 427 -1.43 -12.87 24.84
C GLY A 427 -1.30 -14.22 25.54
N CYS A 428 -0.18 -14.44 26.23
CA CYS A 428 0.06 -15.71 26.89
C CYS A 428 -0.43 -15.58 28.35
N GLY A 429 0.06 -16.45 29.23
CA GLY A 429 -0.30 -16.37 30.65
C GLY A 429 -1.79 -16.62 30.84
N ALA A 430 -2.44 -15.80 31.65
CA ALA A 430 -3.87 -16.01 31.99
C ALA A 430 -4.80 -15.67 30.80
N PHE A 431 -4.23 -15.14 29.72
CA PHE A 431 -5.02 -14.88 28.51
C PHE A 431 -5.16 -16.14 27.65
N GLY A 432 -4.35 -17.16 27.92
CA GLY A 432 -4.57 -18.46 27.34
C GLY A 432 -3.63 -18.83 26.21
N GLY A 433 -2.88 -17.86 25.71
CA GLY A 433 -1.92 -18.14 24.63
C GLY A 433 -0.83 -19.08 25.06
N ASP A 434 -0.40 -19.93 24.13
CA ASP A 434 0.75 -20.79 24.34
C ASP A 434 2.03 -20.06 23.93
N ALA A 435 2.99 -19.93 24.85
CA ALA A 435 4.19 -19.10 24.61
C ALA A 435 5.00 -19.57 23.43
N ARG A 436 5.15 -20.87 23.32
CA ARG A 436 5.96 -21.47 22.26
C ARG A 436 5.31 -21.32 20.88
N LEU A 437 3.98 -21.51 20.81
CA LEU A 437 3.24 -21.26 19.59
C LEU A 437 3.30 -19.78 19.22
N LYS A 438 3.07 -18.89 20.20
CA LYS A 438 3.01 -17.47 19.91
C LYS A 438 4.39 -16.97 19.46
N ALA A 439 5.47 -17.51 20.02
CA ALA A 439 6.82 -17.12 19.57
C ALA A 439 7.00 -17.44 18.11
N LEU A 440 6.62 -18.65 17.71
CA LEU A 440 6.76 -19.08 16.34
C LEU A 440 5.87 -18.25 15.38
N ILE A 441 4.63 -17.98 15.80
CA ILE A 441 3.76 -17.11 15.05
C ILE A 441 4.39 -15.74 14.79
N GLN A 442 5.02 -15.14 15.80
CA GLN A 442 5.52 -13.78 15.61
C GLN A 442 6.82 -13.83 14.78
N ILE A 443 7.52 -14.94 14.89
CA ILE A 443 8.77 -15.17 14.11
C ILE A 443 8.39 -15.31 12.64
N LEU A 444 7.24 -15.93 12.37
CA LEU A 444 6.81 -16.19 11.00
C LEU A 444 6.25 -14.91 10.40
N ALA A 445 5.50 -14.16 11.19
CA ALA A 445 4.95 -12.88 10.73
C ALA A 445 6.07 -11.87 10.47
N ALA A 446 7.04 -11.85 11.35
CA ALA A 446 8.23 -10.97 11.16
C ALA A 446 8.96 -11.35 9.90
N ALA A 447 9.14 -12.64 9.69
CA ALA A 447 9.79 -13.12 8.45
C ALA A 447 9.02 -12.66 7.20
N ALA A 448 7.69 -12.76 7.23
CA ALA A 448 6.87 -12.33 6.13
C ALA A 448 7.04 -10.84 5.88
N ALA A 449 7.20 -10.06 6.96
CA ALA A 449 7.36 -8.62 6.84
C ALA A 449 8.83 -8.25 6.69
N GLU A 450 9.69 -9.25 6.57
CA GLU A 450 11.14 -9.04 6.39
C GLU A 450 11.77 -8.21 7.51
N ARG A 451 11.29 -8.45 8.74
CA ARG A 451 11.90 -7.90 9.95
C ARG A 451 12.57 -8.94 10.83
N ASP A 452 13.66 -8.53 11.49
CA ASP A 452 14.33 -9.35 12.49
C ASP A 452 13.54 -9.25 13.81
N VAL A 453 13.80 -10.16 14.74
CA VAL A 453 13.06 -10.27 16.00
C VAL A 453 13.95 -10.22 17.23
N VAL A 454 13.60 -9.36 18.17
CA VAL A 454 14.21 -9.34 19.48
C VAL A 454 13.15 -9.75 20.49
N TYR A 455 13.32 -10.93 21.09
CA TYR A 455 12.26 -11.57 21.90
C TYR A 455 12.64 -11.58 23.40
N PHE A 456 11.83 -10.96 24.25
CA PHE A 456 12.06 -10.90 25.70
C PHE A 456 11.14 -11.87 26.40
N THR A 457 11.73 -12.81 27.15
CA THR A 457 10.93 -13.85 27.80
C THR A 457 10.63 -13.55 29.26
N PHE A 458 11.10 -12.39 29.72
CA PHE A 458 10.82 -11.88 31.09
C PHE A 458 10.97 -12.93 32.17
N GLY A 459 12.19 -13.40 32.35
CA GLY A 459 12.52 -14.33 33.41
C GLY A 459 12.47 -15.80 33.07
N ASP A 460 11.83 -16.18 31.96
CA ASP A 460 11.72 -17.59 31.58
C ASP A 460 12.92 -17.99 30.71
N SER A 461 13.97 -18.48 31.37
CA SER A 461 15.22 -18.84 30.69
C SER A 461 15.05 -20.10 29.87
N GLU A 462 14.25 -21.06 30.33
CA GLU A 462 14.01 -22.30 29.56
C GLU A 462 13.29 -21.97 28.24
N LEU A 463 12.29 -21.11 28.31
CA LEU A 463 11.60 -20.61 27.12
C LEU A 463 12.59 -19.92 26.17
N MET A 464 13.46 -19.08 26.72
CA MET A 464 14.51 -18.47 25.90
C MET A 464 15.25 -19.55 25.13
N ARG A 465 15.76 -20.52 25.87
CA ARG A 465 16.48 -21.62 25.26
C ARG A 465 15.66 -22.33 24.16
N ASP A 466 14.40 -22.67 24.46
CA ASP A 466 13.57 -23.45 23.55
C ASP A 466 13.28 -22.71 22.26
N ILE A 467 12.99 -21.41 22.36
CA ILE A 467 12.73 -20.59 21.21
C ILE A 467 13.99 -20.52 20.35
N TYR A 468 15.16 -20.34 20.96
CA TYR A 468 16.41 -20.28 20.17
C TYR A 468 16.69 -21.60 19.45
N SER A 469 16.52 -22.67 20.17
CA SER A 469 16.75 -24.00 19.63
C SER A 469 15.88 -24.23 18.41
N MET A 470 14.58 -23.95 18.54
CA MET A 470 13.67 -24.09 17.45
C MET A 470 14.02 -23.19 16.28
N HIS A 471 14.29 -21.92 16.52
CA HIS A 471 14.61 -20.99 15.47
C HIS A 471 15.87 -21.43 14.72
N THR A 472 16.87 -21.90 15.48
CA THR A 472 18.16 -22.36 14.93
C THR A 472 17.94 -23.61 14.06
N PHE A 473 17.07 -24.51 14.52
CA PHE A 473 16.80 -25.73 13.78
C PHE A 473 16.11 -25.42 12.44
N LEU A 474 15.08 -24.59 12.49
CA LEU A 474 14.32 -24.26 11.30
C LEU A 474 15.20 -23.48 10.32
N THR A 475 16.01 -22.60 10.87
CA THR A 475 16.95 -21.82 10.04
C THR A 475 17.98 -22.68 9.35
N GLU A 476 18.65 -23.53 10.12
CA GLU A 476 19.68 -24.39 9.59
C GLU A 476 19.13 -25.41 8.60
N ARG A 477 17.90 -25.87 8.83
CA ARG A 477 17.28 -26.82 7.91
C ARG A 477 16.57 -26.13 6.73
N LYS A 478 16.66 -24.80 6.66
CA LYS A 478 16.18 -23.94 5.55
C LYS A 478 14.71 -24.08 5.25
N LEU A 479 13.89 -24.18 6.30
CA LEU A 479 12.45 -24.17 6.17
C LEU A 479 11.99 -22.73 6.12
N ASP A 480 11.31 -22.38 5.05
CA ASP A 480 10.77 -21.07 4.88
C ASP A 480 9.41 -21.01 5.56
N VAL A 481 8.81 -19.83 5.54
CA VAL A 481 7.54 -19.56 6.28
C VAL A 481 6.47 -20.59 5.98
N GLY A 482 6.32 -20.93 4.70
CA GLY A 482 5.31 -21.89 4.27
C GLY A 482 5.53 -23.28 4.79
N LYS A 483 6.79 -23.72 4.76
CA LYS A 483 7.12 -25.03 5.34
C LYS A 483 6.86 -25.11 6.82
N VAL A 484 7.19 -24.05 7.57
CA VAL A 484 6.89 -24.02 8.98
C VAL A 484 5.35 -24.03 9.16
N TYR A 485 4.66 -23.17 8.44
CA TYR A 485 3.19 -23.15 8.52
C TYR A 485 2.55 -24.54 8.29
N LYS A 486 3.00 -25.22 7.26
CA LYS A 486 2.58 -26.58 6.98
C LYS A 486 2.84 -27.56 8.14
N LEU A 487 3.93 -27.37 8.89
CA LEU A 487 4.14 -28.20 10.08
C LEU A 487 3.12 -27.91 11.17
N LEU A 488 2.73 -26.65 11.33
CA LEU A 488 1.68 -26.30 12.30
C LEU A 488 0.34 -26.90 11.94
N LEU A 489 0.04 -26.96 10.63
CA LEU A 489 -1.19 -27.61 10.17
C LEU A 489 -1.11 -29.11 10.43
N ARG A 490 0.08 -29.68 10.19
CA ARG A 490 0.31 -31.10 10.56
C ARG A 490 0.08 -31.39 12.05
N TYR A 491 0.55 -30.50 12.93
CA TYR A 491 0.40 -30.70 14.37
C TYR A 491 -1.09 -30.66 14.70
N TYR A 492 -1.78 -29.69 14.13
CA TYR A 492 -3.23 -29.57 14.34
C TYR A 492 -3.94 -30.84 13.91
N ASN A 493 -3.74 -31.21 12.65
CA ASN A 493 -4.44 -32.35 12.07
C ASN A 493 -4.09 -33.68 12.72
N GLU A 494 -2.82 -33.90 13.06
CA GLU A 494 -2.37 -35.19 13.60
C GLU A 494 -2.48 -35.30 15.13
N GLU A 495 -2.41 -34.17 15.85
CA GLU A 495 -2.38 -34.20 17.32
C GLU A 495 -3.46 -33.41 18.05
N CYS A 496 -4.05 -32.40 17.42
CA CYS A 496 -5.03 -31.57 18.13
C CYS A 496 -6.48 -31.88 17.76
N ARG A 497 -6.73 -32.02 16.46
CA ARG A 497 -8.11 -32.10 15.96
C ARG A 497 -8.94 -33.14 16.72
N ASN A 498 -8.36 -34.30 17.01
CA ASN A 498 -9.10 -35.37 17.67
C ASN A 498 -8.64 -35.62 19.12
N CYS A 499 -8.04 -34.62 19.74
CA CYS A 499 -7.55 -34.73 21.11
C CYS A 499 -8.73 -34.58 22.08
N SER A 500 -8.91 -35.57 22.95
CA SER A 500 -10.00 -35.55 23.93
C SER A 500 -9.57 -35.00 25.31
N THR A 501 -8.31 -34.60 25.44
CA THR A 501 -7.79 -33.94 26.64
C THR A 501 -7.56 -32.44 26.37
N PRO A 502 -7.37 -31.62 27.42
CA PRO A 502 -7.18 -30.20 27.23
C PRO A 502 -6.00 -29.84 26.34
N GLY A 503 -4.92 -30.62 26.44
CA GLY A 503 -3.74 -30.51 25.57
C GLY A 503 -3.30 -31.87 25.05
N PRO A 504 -2.58 -31.91 23.91
CA PRO A 504 -2.14 -33.21 23.38
C PRO A 504 -1.02 -33.80 24.23
N ASP A 505 -0.77 -35.09 24.07
CA ASP A 505 0.38 -35.71 24.73
C ASP A 505 1.69 -35.23 24.11
N ILE A 506 1.71 -35.00 22.80
CA ILE A 506 2.94 -34.45 22.20
C ILE A 506 2.81 -32.95 21.96
N LYS A 507 3.78 -32.22 22.47
CA LYS A 507 3.78 -30.78 22.35
C LYS A 507 4.35 -30.37 21.01
N LEU A 508 4.14 -29.10 20.67
CA LEU A 508 4.42 -28.58 19.34
C LEU A 508 5.89 -28.66 18.93
N TYR A 509 6.79 -28.25 19.80
CA TYR A 509 8.22 -28.18 19.38
C TYR A 509 8.73 -29.61 19.26
N PRO A 510 8.42 -30.48 20.24
CA PRO A 510 8.80 -31.87 20.02
C PRO A 510 8.26 -32.47 18.72
N PHE A 511 7.03 -32.13 18.37
CA PHE A 511 6.44 -32.61 17.13
C PHE A 511 7.19 -32.11 15.89
N ILE A 512 7.54 -30.85 15.89
CA ILE A 512 8.23 -30.24 14.79
C ILE A 512 9.58 -30.92 14.62
N TYR A 513 10.34 -31.06 15.70
CA TYR A 513 11.62 -31.75 15.56
C TYR A 513 11.47 -33.15 14.95
N HIS A 514 10.49 -33.92 15.43
CA HIS A 514 10.33 -35.30 14.96
C HIS A 514 9.92 -35.37 13.51
N ALA A 515 9.02 -34.46 13.13
CA ALA A 515 8.51 -34.38 11.77
C ALA A 515 9.67 -34.10 10.81
N VAL A 516 10.46 -33.10 11.12
CA VAL A 516 11.56 -32.73 10.22
C VAL A 516 12.60 -33.85 10.17
N GLU A 517 12.98 -34.38 11.33
CA GLU A 517 13.98 -35.44 11.42
C GLU A 517 13.51 -36.74 10.77
N SER A 518 12.20 -36.93 10.65
CA SER A 518 11.60 -38.09 9.95
C SER A 518 11.47 -37.92 8.44
N SER A 519 11.61 -36.71 7.92
CA SER A 519 11.26 -36.42 6.52
C SER A 519 12.35 -36.84 5.56
N ALA A 520 11.99 -36.95 4.28
CA ALA A 520 12.89 -37.37 3.20
C ALA A 520 14.27 -36.71 3.26
N PRO B 5 -34.24 -11.37 -32.05
CA PRO B 5 -32.85 -10.99 -32.28
C PRO B 5 -32.10 -10.64 -30.99
N GLU B 6 -30.82 -10.99 -30.91
CA GLU B 6 -30.03 -10.76 -29.70
C GLU B 6 -29.84 -9.25 -29.53
N LYS B 7 -29.83 -8.76 -28.29
CA LYS B 7 -29.61 -7.34 -28.00
C LYS B 7 -28.14 -7.00 -28.19
N LYS B 8 -27.81 -5.73 -28.28
CA LYS B 8 -26.42 -5.33 -28.54
C LYS B 8 -25.56 -5.27 -27.28
N TRP B 9 -26.20 -5.11 -26.13
CA TRP B 9 -25.54 -5.03 -24.84
C TRP B 9 -26.53 -5.46 -23.78
N LEU B 10 -25.98 -5.88 -22.64
CA LEU B 10 -26.76 -6.37 -21.50
C LEU B 10 -26.16 -5.91 -20.17
N GLY B 11 -27.02 -5.85 -19.15
CA GLY B 11 -26.56 -5.50 -17.82
C GLY B 11 -26.76 -4.03 -17.49
N THR B 12 -25.84 -3.49 -16.72
CA THR B 12 -25.91 -2.10 -16.27
C THR B 12 -25.68 -1.18 -17.45
N PRO B 13 -26.55 -0.16 -17.64
CA PRO B 13 -26.30 0.81 -18.70
C PRO B 13 -24.89 1.40 -18.61
N ILE B 14 -24.18 1.46 -19.73
CA ILE B 14 -22.77 1.88 -19.68
C ILE B 14 -22.58 3.29 -19.07
N GLU B 15 -23.52 4.19 -19.32
CA GLU B 15 -23.45 5.56 -18.77
C GLU B 15 -23.51 5.61 -17.22
N GLU B 16 -23.95 4.52 -16.58
CA GLU B 16 -24.02 4.48 -15.10
C GLU B 16 -22.71 4.03 -14.49
N MET B 17 -21.81 3.53 -15.31
CA MET B 17 -20.47 3.17 -14.86
C MET B 17 -19.65 4.42 -14.53
N ARG B 18 -18.70 4.27 -13.62
CA ARG B 18 -17.83 5.39 -13.27
C ARG B 18 -16.71 5.52 -14.31
N LYS B 19 -16.35 6.76 -14.60
CA LYS B 19 -15.25 7.02 -15.51
C LYS B 19 -14.59 8.33 -15.16
N MET B 20 -13.36 8.47 -15.63
CA MET B 20 -12.60 9.72 -15.55
C MET B 20 -13.04 10.69 -16.64
N PRO B 21 -12.88 11.99 -16.39
CA PRO B 21 -12.34 12.58 -15.16
C PRO B 21 -13.33 12.62 -13.97
N ARG B 22 -14.61 12.37 -14.22
CA ARG B 22 -15.63 12.64 -13.21
C ARG B 22 -15.29 11.98 -11.88
N CYS B 23 -14.97 10.68 -11.93
CA CYS B 23 -14.81 9.86 -10.73
C CYS B 23 -13.49 10.09 -9.98
N GLY B 24 -12.54 10.80 -10.59
CA GLY B 24 -11.17 10.86 -10.10
C GLY B 24 -10.99 11.54 -8.75
N ILE B 25 -10.05 11.02 -7.96
CA ILE B 25 -9.64 11.69 -6.73
C ILE B 25 -9.15 13.10 -7.01
N HIS B 26 -9.18 13.93 -5.96
CA HIS B 26 -8.42 15.16 -6.01
C HIS B 26 -6.93 14.79 -5.95
N LEU B 27 -6.20 15.06 -7.02
CA LEU B 27 -4.74 14.85 -7.03
C LEU B 27 -3.99 15.82 -6.11
N PRO B 28 -3.06 15.31 -5.30
CA PRO B 28 -2.16 16.24 -4.63
C PRO B 28 -1.20 16.85 -5.64
N SER B 29 -0.45 17.85 -5.23
CA SER B 29 0.56 18.44 -6.09
C SER B 29 1.47 17.35 -6.65
N LEU B 30 1.78 17.48 -7.93
CA LEU B 30 2.75 16.59 -8.56
C LEU B 30 4.12 16.96 -7.98
N ARG B 31 4.82 15.98 -7.43
CA ARG B 31 6.16 16.20 -6.85
C ARG B 31 6.94 14.92 -6.88
N PRO B 32 8.27 15.03 -7.08
CA PRO B 32 9.12 13.86 -6.96
C PRO B 32 9.17 13.32 -5.53
N SER B 33 9.25 12.00 -5.40
CA SER B 33 9.42 11.33 -4.12
C SER B 33 10.30 10.12 -4.40
N ALA B 34 10.63 9.36 -3.35
CA ALA B 34 11.34 8.09 -3.50
C ALA B 34 10.62 7.12 -4.42
N SER B 35 9.29 7.18 -4.49
CA SER B 35 8.50 6.32 -5.37
C SER B 35 8.02 6.98 -6.68
N HIS B 36 8.45 8.21 -6.94
CA HIS B 36 7.96 8.92 -8.11
C HIS B 36 9.03 9.78 -8.73
N THR B 37 9.48 9.40 -9.92
CA THR B 37 10.41 10.21 -10.69
C THR B 37 9.60 11.19 -11.57
N VAL B 38 9.95 12.47 -11.53
CA VAL B 38 9.21 13.49 -12.30
C VAL B 38 10.26 14.31 -13.05
N THR B 39 10.20 14.27 -14.38
CA THR B 39 11.28 14.77 -15.23
C THR B 39 11.01 16.17 -15.78
N VAL B 40 9.95 16.79 -15.28
CA VAL B 40 9.55 18.12 -15.69
C VAL B 40 9.46 19.09 -14.51
N ARG B 41 9.48 20.38 -14.82
CA ARG B 41 9.34 21.44 -13.84
C ARG B 41 7.87 21.55 -13.44
N VAL B 42 7.51 21.01 -12.29
CA VAL B 42 6.09 21.01 -11.88
C VAL B 42 5.58 22.42 -11.58
N ASP B 43 6.47 23.30 -11.15
CA ASP B 43 6.08 24.68 -10.85
C ASP B 43 5.70 25.51 -12.09
N LEU B 44 6.14 25.07 -13.27
CA LEU B 44 5.88 25.74 -14.54
C LEU B 44 4.85 25.01 -15.42
N LEU B 45 4.33 23.90 -14.94
CA LEU B 45 3.38 23.11 -15.70
C LEU B 45 2.08 23.91 -15.88
N ARG B 46 1.65 24.07 -17.12
CA ARG B 46 0.45 24.85 -17.44
C ARG B 46 -0.28 24.20 -18.62
N ALA B 47 -1.59 24.06 -18.49
CA ALA B 47 -2.44 23.54 -19.56
C ALA B 47 -2.09 24.17 -20.89
N GLY B 48 -1.89 23.35 -21.92
CA GLY B 48 -1.67 23.87 -23.26
C GLY B 48 -0.25 24.36 -23.53
N GLU B 49 0.65 24.27 -22.55
CA GLU B 49 2.04 24.73 -22.75
C GLU B 49 3.01 23.55 -22.62
N VAL B 50 4.06 23.55 -23.44
CA VAL B 50 4.97 22.44 -23.44
C VAL B 50 5.75 22.43 -22.09
N PRO B 51 5.75 21.28 -21.38
CA PRO B 51 6.50 21.26 -20.14
C PRO B 51 7.99 21.56 -20.33
N LYS B 52 8.59 22.15 -19.31
CA LYS B 52 10.03 22.37 -19.29
C LYS B 52 10.68 21.22 -18.52
N PRO B 53 11.90 20.82 -18.94
CA PRO B 53 12.58 19.74 -18.24
C PRO B 53 13.19 20.21 -16.94
N PHE B 54 13.29 19.27 -15.99
CA PHE B 54 14.09 19.44 -14.80
C PHE B 54 14.98 18.21 -14.68
N PRO B 55 16.30 18.40 -14.56
CA PRO B 55 16.99 19.69 -14.44
C PRO B 55 17.08 20.48 -15.75
N THR B 56 17.56 21.70 -15.65
CA THR B 56 17.59 22.58 -16.80
C THR B 56 18.54 22.06 -17.86
N HIS B 57 19.67 21.50 -17.42
CA HIS B 57 20.66 20.98 -18.36
C HIS B 57 20.88 19.49 -18.13
N TYR B 58 21.32 18.82 -19.18
CA TYR B 58 21.52 17.38 -19.18
C TYR B 58 22.39 16.90 -18.01
N LYS B 59 21.88 15.92 -17.27
CA LYS B 59 22.69 15.17 -16.32
C LYS B 59 22.70 13.69 -16.72
N ASP B 60 23.90 13.11 -16.84
CA ASP B 60 24.04 11.70 -17.24
C ASP B 60 24.20 10.73 -16.07
N LEU B 61 23.49 9.62 -16.13
CA LEU B 61 23.84 8.42 -15.37
C LEU B 61 23.97 7.25 -16.34
N TRP B 62 25.09 6.54 -16.23
CA TRP B 62 25.42 5.40 -17.05
C TRP B 62 25.74 4.29 -16.06
N ASP B 63 24.71 3.59 -15.63
CA ASP B 63 24.85 2.56 -14.62
C ASP B 63 23.71 1.54 -14.78
N ASN B 64 23.66 0.55 -13.91
CA ASN B 64 22.65 -0.52 -14.06
C ASN B 64 21.30 -0.21 -13.39
N LYS B 65 21.08 1.03 -13.00
CA LYS B 65 19.76 1.42 -12.46
C LYS B 65 18.97 2.39 -13.37
N HIS B 66 19.59 2.86 -14.45
CA HIS B 66 19.03 3.88 -15.32
C HIS B 66 19.22 3.53 -16.80
N VAL B 67 18.35 4.11 -17.64
CA VAL B 67 18.43 3.92 -19.09
C VAL B 67 19.84 4.40 -19.52
N LYS B 68 20.46 3.70 -20.47
CA LYS B 68 21.71 4.18 -21.06
C LYS B 68 21.37 5.03 -22.28
N MET B 69 21.53 6.34 -22.12
CA MET B 69 21.10 7.28 -23.13
C MET B 69 22.16 7.33 -24.21
N PRO B 70 21.73 7.48 -25.46
CA PRO B 70 22.66 7.52 -26.57
C PRO B 70 23.55 8.75 -26.54
N CYS B 71 23.07 9.82 -25.91
CA CYS B 71 23.83 11.06 -25.77
C CYS B 71 24.82 11.08 -24.60
N SER B 72 24.94 9.95 -23.87
CA SER B 72 25.95 9.83 -22.82
C SER B 72 27.36 9.97 -23.37
N GLU B 73 28.18 10.76 -22.69
CA GLU B 73 29.64 10.78 -22.91
C GLU B 73 30.23 9.37 -22.85
N GLN B 74 29.60 8.47 -22.10
CA GLN B 74 30.12 7.12 -21.97
C GLN B 74 29.65 6.19 -23.08
N ASN B 75 28.85 6.70 -24.01
CA ASN B 75 28.46 5.94 -25.18
C ASN B 75 29.54 6.10 -26.24
N LEU B 76 30.37 5.07 -26.38
CA LEU B 76 31.59 5.16 -27.19
C LEU B 76 31.56 4.16 -28.36
N TYR B 77 32.42 4.40 -29.34
CA TYR B 77 32.44 3.63 -30.56
C TYR B 77 33.82 3.81 -31.23
N PRO B 78 34.33 2.78 -31.90
CA PRO B 78 35.65 2.85 -32.57
C PRO B 78 35.78 4.00 -33.56
N THR B 87 40.78 4.17 -32.01
CA THR B 87 40.53 4.68 -30.67
C THR B 87 39.03 4.86 -30.38
N ALA B 88 38.69 5.07 -29.11
CA ALA B 88 37.29 5.19 -28.67
C ALA B 88 36.80 6.62 -28.83
N GLY B 89 35.78 6.82 -29.67
CA GLY B 89 35.19 8.13 -29.92
C GLY B 89 33.74 8.22 -29.44
N SER B 90 33.16 9.41 -29.53
CA SER B 90 31.76 9.63 -29.09
C SER B 90 30.78 9.04 -30.07
N ARG B 91 29.98 8.09 -29.64
CA ARG B 91 28.96 7.57 -30.51
C ARG B 91 27.89 8.64 -30.79
N TRP B 92 27.63 9.52 -29.82
CA TRP B 92 26.63 10.58 -30.01
C TRP B 92 27.05 11.50 -31.14
N GLU B 93 28.32 11.89 -31.12
CA GLU B 93 28.89 12.72 -32.17
C GLU B 93 28.69 12.08 -33.54
N LEU B 94 28.93 10.77 -33.62
CA LEU B 94 28.76 10.00 -34.85
C LEU B 94 27.31 9.94 -35.30
N ILE B 95 26.42 9.71 -34.35
CA ILE B 95 25.00 9.70 -34.62
C ILE B 95 24.55 11.03 -35.22
N GLN B 96 25.03 12.14 -34.66
CA GLN B 96 24.68 13.45 -35.17
C GLN B 96 25.13 13.63 -36.62
N THR B 97 26.40 13.37 -36.89
CA THR B 97 26.95 13.45 -38.24
C THR B 97 26.18 12.56 -39.22
N ALA B 98 25.91 11.31 -38.84
CA ALA B 98 25.16 10.38 -39.68
C ALA B 98 23.74 10.88 -40.03
N LEU B 99 22.99 11.27 -39.02
CA LEU B 99 21.58 11.64 -39.22
C LEU B 99 21.41 13.04 -39.81
N LEU B 100 22.41 13.90 -39.67
CA LEU B 100 22.37 15.21 -40.33
C LEU B 100 22.85 15.11 -41.77
N ASN B 101 22.46 14.03 -42.44
CA ASN B 101 22.68 13.92 -43.87
C ASN B 101 21.36 14.11 -44.58
N LYS B 102 21.44 14.47 -45.85
CA LYS B 102 20.26 14.57 -46.69
C LYS B 102 19.78 13.16 -47.06
N PHE B 103 18.48 12.91 -46.88
CA PHE B 103 17.86 11.69 -47.39
C PHE B 103 17.04 12.02 -48.65
N THR B 104 17.24 11.23 -49.70
CA THR B 104 16.37 11.31 -50.89
C THR B 104 15.87 9.93 -51.32
N ARG B 105 16.59 8.87 -50.95
CA ARG B 105 16.29 7.49 -51.33
C ARG B 105 16.38 6.67 -50.03
N PRO B 106 15.58 5.58 -49.90
CA PRO B 106 15.59 4.80 -48.66
C PRO B 106 16.95 4.26 -48.24
N GLN B 107 17.80 3.90 -49.21
CA GLN B 107 19.17 3.46 -48.91
C GLN B 107 19.94 4.48 -48.07
N ASN B 108 19.68 5.79 -48.28
CA ASN B 108 20.33 6.84 -47.48
C ASN B 108 20.02 6.74 -45.97
N LEU B 109 18.79 6.36 -45.63
CA LEU B 109 18.36 6.19 -44.26
C LEU B 109 18.98 4.93 -43.66
N LYS B 110 18.93 3.84 -44.43
CA LYS B 110 19.58 2.63 -44.01
C LYS B 110 21.05 2.90 -43.71
N ASP B 111 21.76 3.56 -44.62
CA ASP B 111 23.18 3.72 -44.44
C ASP B 111 23.48 4.60 -43.23
N ALA B 112 22.66 5.62 -43.01
CA ALA B 112 22.83 6.49 -41.84
C ALA B 112 22.69 5.73 -40.54
N ILE B 113 21.58 5.02 -40.39
CA ILE B 113 21.40 4.22 -39.20
C ILE B 113 22.54 3.18 -38.97
N LEU B 114 23.04 2.60 -40.04
CA LEU B 114 24.06 1.56 -39.92
C LEU B 114 25.45 2.15 -39.64
N LYS B 115 25.61 3.46 -39.85
CA LYS B 115 26.90 4.11 -39.56
C LYS B 115 27.34 3.94 -38.10
N TYR B 116 26.36 3.87 -37.20
CA TYR B 116 26.63 3.69 -35.78
C TYR B 116 26.03 2.39 -35.26
N ASN B 117 25.84 1.44 -36.18
CA ASN B 117 25.31 0.11 -35.89
C ASN B 117 26.00 -0.89 -36.83
N VAL B 118 27.30 -0.69 -37.04
CA VAL B 118 28.08 -1.44 -38.01
C VAL B 118 27.97 -2.96 -37.80
N ALA B 119 27.97 -3.40 -36.54
CA ALA B 119 27.82 -4.83 -36.21
C ALA B 119 26.52 -5.45 -36.75
N TYR B 120 25.53 -4.61 -37.10
CA TYR B 120 24.26 -5.11 -37.61
C TYR B 120 24.06 -4.88 -39.11
N SER B 121 25.13 -4.48 -39.78
CA SER B 121 25.10 -4.14 -41.21
C SER B 121 24.51 -5.22 -42.08
N LYS B 122 24.70 -6.49 -41.72
CA LYS B 122 24.12 -7.60 -42.45
C LYS B 122 22.87 -8.18 -41.81
N LYS B 123 22.76 -8.09 -40.48
CA LYS B 123 21.63 -8.71 -39.79
C LYS B 123 20.35 -7.90 -39.93
N TRP B 124 20.46 -6.58 -40.11
CA TRP B 124 19.27 -5.74 -40.22
C TRP B 124 18.87 -5.52 -41.67
N ASP B 125 17.74 -6.11 -42.05
CA ASP B 125 17.19 -5.98 -43.37
C ASP B 125 16.27 -4.75 -43.44
N PHE B 126 16.37 -4.01 -44.53
CA PHE B 126 15.60 -2.77 -44.69
C PHE B 126 14.63 -2.85 -45.89
N THR B 127 14.33 -4.07 -46.32
CA THR B 127 13.46 -4.31 -47.46
C THR B 127 12.09 -3.63 -47.33
N ALA B 128 11.47 -3.74 -46.15
CA ALA B 128 10.16 -3.14 -45.92
C ALA B 128 10.21 -1.61 -46.02
N LEU B 129 11.26 -1.02 -45.46
CA LEU B 129 11.45 0.44 -45.57
C LEU B 129 11.57 0.84 -47.04
N VAL B 130 12.36 0.07 -47.80
CA VAL B 130 12.59 0.40 -49.20
C VAL B 130 11.28 0.25 -49.97
N ASP B 131 10.55 -0.85 -49.74
CA ASP B 131 9.28 -1.07 -50.42
C ASP B 131 8.28 0.03 -50.06
N PHE B 132 8.28 0.44 -48.80
CA PHE B 132 7.37 1.48 -48.32
C PHE B 132 7.62 2.82 -49.00
N TRP B 133 8.88 3.21 -49.00
CA TRP B 133 9.36 4.43 -49.60
C TRP B 133 9.17 4.44 -51.13
N ASP B 134 9.54 3.35 -51.79
CA ASP B 134 9.56 3.29 -53.24
C ASP B 134 8.29 2.75 -53.89
N LYS B 135 7.51 1.94 -53.20
CA LYS B 135 6.31 1.32 -53.80
C LYS B 135 5.00 1.82 -53.18
N VAL B 136 4.91 1.77 -51.85
CA VAL B 136 3.64 2.09 -51.17
C VAL B 136 3.34 3.59 -51.27
N LEU B 137 4.35 4.43 -51.04
CA LEU B 137 4.18 5.89 -51.08
C LEU B 137 4.28 6.46 -52.50
N GLU B 138 3.39 7.38 -52.83
CA GLU B 138 3.46 8.13 -54.09
C GLU B 138 4.60 9.14 -54.03
N GLU B 139 5.12 9.53 -55.18
CA GLU B 139 6.30 10.40 -55.23
C GLU B 139 6.20 11.59 -54.24
N ALA B 140 5.05 12.25 -54.20
CA ALA B 140 4.89 13.48 -53.40
C ALA B 140 4.86 13.20 -51.90
N GLU B 141 4.28 12.05 -51.53
CA GLU B 141 4.28 11.58 -50.16
C GLU B 141 5.70 11.20 -49.71
N ALA B 142 6.46 10.59 -50.60
CA ALA B 142 7.85 10.23 -50.30
C ALA B 142 8.65 11.50 -50.11
N GLN B 143 8.42 12.47 -50.98
CA GLN B 143 9.10 13.76 -50.91
C GLN B 143 8.80 14.44 -49.58
N HIS B 144 7.54 14.42 -49.17
CA HIS B 144 7.20 14.91 -47.85
C HIS B 144 7.97 14.14 -46.76
N LEU B 145 7.98 12.81 -46.84
CA LEU B 145 8.71 12.02 -45.86
C LEU B 145 10.17 12.47 -45.70
N TYR B 146 10.94 12.52 -46.79
CA TYR B 146 12.37 12.81 -46.66
C TYR B 146 12.76 14.28 -46.54
N GLN B 147 11.89 15.18 -46.97
CA GLN B 147 12.16 16.63 -46.87
C GLN B 147 11.65 17.28 -45.56
N SER B 148 10.59 16.71 -45.00
CA SER B 148 9.94 17.30 -43.83
C SER B 148 9.96 16.39 -42.61
N ILE B 149 9.33 15.23 -42.70
CA ILE B 149 9.11 14.39 -41.54
C ILE B 149 10.42 13.82 -41.00
N LEU B 150 11.24 13.24 -41.88
CA LEU B 150 12.46 12.60 -41.44
C LEU B 150 13.43 13.64 -40.83
N PRO B 151 13.67 14.76 -41.53
CA PRO B 151 14.53 15.80 -40.95
C PRO B 151 13.99 16.37 -39.62
N ASP B 152 12.66 16.50 -39.51
CA ASP B 152 12.05 16.96 -38.26
C ASP B 152 12.20 15.94 -37.17
N MET B 153 12.06 14.66 -37.53
CA MET B 153 12.36 13.56 -36.62
C MET B 153 13.82 13.59 -36.17
N VAL B 154 14.75 13.86 -37.07
CA VAL B 154 16.14 13.93 -36.67
C VAL B 154 16.34 15.06 -35.65
N LYS B 155 15.67 16.18 -35.90
CA LYS B 155 15.88 17.38 -35.07
C LYS B 155 15.47 17.10 -33.64
N ILE B 156 14.28 16.54 -33.46
CA ILE B 156 13.85 16.18 -32.11
C ILE B 156 14.72 15.09 -31.47
N ALA B 157 15.22 14.14 -32.25
CA ALA B 157 16.06 13.08 -31.72
C ALA B 157 17.36 13.66 -31.22
N LEU B 158 18.00 14.50 -32.03
CA LEU B 158 19.28 15.06 -31.64
C LEU B 158 19.18 16.10 -30.50
N CYS B 159 17.97 16.59 -30.24
CA CYS B 159 17.72 17.46 -29.09
C CYS B 159 17.62 16.67 -27.80
N LEU B 160 17.78 15.35 -27.88
CA LEU B 160 17.52 14.50 -26.70
C LEU B 160 18.16 15.02 -25.40
N PRO B 161 19.47 15.36 -25.43
CA PRO B 161 20.04 15.78 -24.16
C PRO B 161 19.41 17.08 -23.61
N ASN B 162 18.84 17.91 -24.48
CA ASN B 162 18.22 19.16 -24.00
C ASN B 162 16.75 19.00 -23.61
N ILE B 163 16.19 17.84 -23.97
CA ILE B 163 14.78 17.55 -23.75
C ILE B 163 14.62 16.56 -22.59
N CYS B 164 15.35 15.44 -22.66
CA CYS B 164 15.39 14.49 -21.56
C CYS B 164 16.63 14.69 -20.68
N THR B 165 16.57 15.69 -19.78
CA THR B 165 17.75 16.09 -18.99
C THR B 165 18.01 15.25 -17.76
N GLN B 166 16.98 14.54 -17.32
CA GLN B 166 17.00 13.74 -16.11
C GLN B 166 17.15 12.24 -16.44
N PRO B 167 18.08 11.55 -15.75
CA PRO B 167 18.18 10.11 -15.94
C PRO B 167 16.85 9.39 -15.66
N ILE B 168 16.54 8.41 -16.49
CA ILE B 168 15.29 7.66 -16.36
C ILE B 168 15.59 6.35 -15.67
N PRO B 169 14.93 6.07 -14.54
CA PRO B 169 15.22 4.83 -13.83
C PRO B 169 14.64 3.63 -14.54
N LEU B 170 15.29 2.49 -14.42
CA LEU B 170 14.75 1.26 -14.92
C LEU B 170 13.65 0.86 -13.94
N LEU B 171 12.50 0.47 -14.44
CA LEU B 171 11.47 -0.11 -13.56
C LEU B 171 11.71 -1.62 -13.51
N LYS B 172 12.46 -2.05 -12.49
CA LYS B 172 12.89 -3.44 -12.38
C LYS B 172 11.81 -4.27 -11.71
N GLN B 173 11.86 -5.59 -11.88
CA GLN B 173 10.93 -6.45 -11.17
C GLN B 173 10.97 -6.12 -9.67
N LYS B 174 9.79 -6.17 -9.04
CA LYS B 174 9.58 -5.88 -7.64
C LYS B 174 9.49 -4.39 -7.26
N MET B 175 9.93 -3.47 -8.11
CA MET B 175 9.81 -2.06 -7.80
C MET B 175 8.36 -1.62 -7.92
N ASN B 176 7.92 -0.82 -6.95
CA ASN B 176 6.68 -0.11 -7.02
C ASN B 176 7.04 1.37 -7.14
N HIS B 177 7.00 1.83 -8.37
CA HIS B 177 7.59 3.09 -8.76
C HIS B 177 6.92 3.68 -10.01
N SER B 178 6.90 4.99 -10.06
CA SER B 178 6.29 5.73 -11.14
C SER B 178 7.27 6.67 -11.77
N VAL B 179 7.21 6.79 -13.10
CA VAL B 179 7.92 7.83 -13.82
C VAL B 179 6.92 8.66 -14.63
N THR B 180 6.91 9.96 -14.38
CA THR B 180 6.05 10.90 -15.12
C THR B 180 6.95 11.83 -15.94
N MET B 181 6.72 11.78 -17.24
CA MET B 181 7.48 12.57 -18.20
C MET B 181 6.51 13.25 -19.17
N SER B 182 7.01 14.21 -19.93
CA SER B 182 6.18 14.89 -20.91
C SER B 182 6.05 14.03 -22.18
N GLN B 183 4.93 14.19 -22.89
CA GLN B 183 4.76 13.68 -24.25
C GLN B 183 5.91 14.13 -25.14
N GLU B 184 6.36 15.36 -24.92
CA GLU B 184 7.47 15.90 -25.71
C GLU B 184 8.76 15.11 -25.48
N GLN B 185 9.05 14.80 -24.23
CA GLN B 185 10.16 13.92 -23.88
C GLN B 185 10.05 12.58 -24.54
N ILE B 186 8.85 12.02 -24.53
CA ILE B 186 8.58 10.72 -25.10
C ILE B 186 8.87 10.72 -26.60
N ALA B 187 8.50 11.82 -27.30
CA ALA B 187 8.67 11.92 -28.74
C ALA B 187 10.16 11.95 -29.12
N SER B 188 10.98 12.63 -28.34
CA SER B 188 12.44 12.63 -28.56
C SER B 188 13.02 11.22 -28.37
N LEU B 189 12.49 10.51 -27.38
CA LEU B 189 12.94 9.17 -27.07
C LEU B 189 12.57 8.20 -28.18
N LEU B 190 11.32 8.28 -28.65
CA LEU B 190 10.85 7.44 -29.75
C LEU B 190 11.48 7.79 -31.10
N ALA B 191 11.80 9.04 -31.33
CA ALA B 191 12.60 9.37 -32.53
C ALA B 191 13.94 8.63 -32.49
N ASN B 192 14.62 8.67 -31.34
CA ASN B 192 15.83 7.93 -31.10
C ASN B 192 15.63 6.45 -31.36
N ALA B 193 14.53 5.89 -30.84
CA ALA B 193 14.24 4.49 -31.05
C ALA B 193 14.10 4.18 -32.54
N PHE B 194 13.35 5.02 -33.27
CA PHE B 194 13.21 4.91 -34.70
C PHE B 194 14.58 4.83 -35.41
N PHE B 195 15.46 5.76 -35.10
CA PHE B 195 16.81 5.81 -35.70
C PHE B 195 17.79 4.81 -35.09
N CYS B 196 17.26 3.98 -34.20
CA CYS B 196 17.96 2.86 -33.57
C CYS B 196 19.19 3.24 -32.78
N THR B 197 19.07 4.29 -31.99
CA THR B 197 20.24 4.87 -31.32
C THR B 197 20.53 4.34 -29.91
N PHE B 198 19.57 3.66 -29.28
CA PHE B 198 19.79 3.18 -27.90
C PHE B 198 20.87 2.11 -27.80
N PRO B 199 21.96 2.39 -27.06
CA PRO B 199 23.05 1.41 -26.97
C PRO B 199 22.74 0.25 -26.05
N ARG B 200 23.37 -0.89 -26.32
CA ARG B 200 23.25 -2.12 -25.50
C ARG B 200 21.88 -2.76 -25.58
N ARG B 201 21.07 -2.39 -26.57
CA ARG B 201 19.70 -2.91 -26.67
C ARG B 201 19.52 -3.76 -27.93
N ASN B 202 20.61 -4.08 -28.62
CA ASN B 202 20.52 -4.79 -29.92
C ASN B 202 20.98 -6.25 -29.95
N ALA B 203 21.99 -6.60 -29.16
CA ALA B 203 22.62 -7.94 -29.27
C ALA B 203 21.73 -9.08 -28.77
N LYS B 204 21.80 -10.23 -29.44
CA LYS B 204 21.07 -11.42 -29.01
C LYS B 204 21.62 -11.99 -27.70
N MET B 205 22.95 -11.95 -27.57
CA MET B 205 23.64 -12.41 -26.38
C MET B 205 23.94 -11.25 -25.42
N LYS B 206 23.06 -10.24 -25.41
CA LYS B 206 23.16 -9.14 -24.48
C LYS B 206 22.80 -9.63 -23.08
N SER B 207 23.52 -9.15 -22.08
CA SER B 207 23.30 -9.58 -20.70
C SER B 207 22.40 -8.59 -20.00
N GLU B 208 22.77 -7.31 -19.97
CA GLU B 208 22.05 -6.38 -19.09
C GLU B 208 20.58 -6.25 -19.45
N TYR B 209 20.27 -6.20 -20.74
CA TYR B 209 18.90 -5.96 -21.16
C TYR B 209 18.14 -7.19 -21.70
N SER B 210 18.65 -8.39 -21.41
CA SER B 210 17.99 -9.58 -21.91
C SER B 210 16.59 -9.73 -21.31
N SER B 211 16.34 -9.11 -20.15
CA SER B 211 15.02 -9.22 -19.50
C SER B 211 14.11 -8.03 -19.83
N TYR B 212 14.54 -7.22 -20.79
CA TYR B 212 13.75 -6.08 -21.23
C TYR B 212 13.23 -6.31 -22.68
N PRO B 213 12.12 -5.66 -23.04
CA PRO B 213 11.71 -5.71 -24.45
C PRO B 213 12.70 -4.97 -25.34
N ASP B 214 12.62 -5.22 -26.62
CA ASP B 214 13.35 -4.44 -27.61
C ASP B 214 12.81 -3.01 -27.57
N ILE B 215 13.68 -2.07 -27.88
CA ILE B 215 13.26 -0.68 -28.01
C ILE B 215 13.57 -0.10 -29.40
N ASN B 216 14.78 -0.34 -29.92
CA ASN B 216 15.07 0.15 -31.27
C ASN B 216 14.09 -0.45 -32.27
N PHE B 217 13.77 0.33 -33.29
CA PHE B 217 12.75 -0.01 -34.30
C PHE B 217 13.29 -0.77 -35.55
N ASN B 218 14.46 -1.39 -35.46
CA ASN B 218 15.06 -2.04 -36.64
C ASN B 218 14.13 -3.05 -37.30
N ARG B 219 13.33 -3.77 -36.52
CA ARG B 219 12.47 -4.81 -37.10
C ARG B 219 11.33 -4.23 -37.93
N LEU B 220 11.04 -2.96 -37.73
CA LEU B 220 10.02 -2.27 -38.54
C LEU B 220 10.39 -2.18 -40.03
N PHE B 221 11.71 -2.19 -40.31
CA PHE B 221 12.26 -2.02 -41.64
C PHE B 221 12.49 -3.31 -42.41
N GLU B 222 12.31 -4.47 -41.77
CA GLU B 222 12.70 -5.77 -42.32
C GLU B 222 11.55 -6.53 -43.01
N GLY B 223 11.92 -7.31 -44.02
CA GLY B 223 11.03 -8.34 -44.59
C GLY B 223 10.00 -7.86 -45.60
N ARG B 224 9.10 -8.75 -45.99
CA ARG B 224 8.12 -8.49 -47.06
C ARG B 224 6.68 -8.58 -46.56
N SER B 225 6.49 -8.53 -45.25
CA SER B 225 5.13 -8.60 -44.70
C SER B 225 4.33 -7.35 -45.12
N SER B 226 3.10 -7.59 -45.57
CA SER B 226 2.20 -6.50 -45.89
C SER B 226 1.73 -5.74 -44.65
N ARG B 227 2.00 -6.27 -43.46
CA ARG B 227 1.75 -5.53 -42.21
C ARG B 227 2.71 -4.34 -42.03
N LYS B 228 3.92 -4.45 -42.57
CA LYS B 228 4.95 -3.44 -42.30
C LYS B 228 4.60 -2.03 -42.75
N PRO B 229 4.08 -1.87 -43.98
CA PRO B 229 3.70 -0.51 -44.38
C PRO B 229 2.56 0.06 -43.54
N GLU B 230 1.68 -0.78 -43.03
CA GLU B 230 0.60 -0.27 -42.18
C GLU B 230 1.17 0.23 -40.86
N LYS B 231 2.15 -0.49 -40.31
CA LYS B 231 2.83 -0.05 -39.08
C LYS B 231 3.61 1.23 -39.33
N LEU B 232 4.29 1.31 -40.47
CA LEU B 232 5.04 2.50 -40.79
C LEU B 232 4.14 3.71 -40.98
N LYS B 233 3.01 3.50 -41.66
CA LYS B 233 2.02 4.58 -41.82
C LYS B 233 1.53 5.02 -40.47
N THR B 234 1.32 4.07 -39.57
CA THR B 234 0.77 4.39 -38.27
C THR B 234 1.77 5.17 -37.40
N LEU B 235 3.04 4.77 -37.44
CA LEU B 235 4.06 5.48 -36.69
C LEU B 235 4.43 6.83 -37.31
N PHE B 236 4.48 6.93 -38.63
CA PHE B 236 4.79 8.21 -39.28
C PHE B 236 3.64 9.21 -39.07
N CYS B 237 2.42 8.71 -38.89
CA CYS B 237 1.29 9.56 -38.46
C CYS B 237 1.57 10.29 -37.16
N TYR B 238 2.06 9.54 -36.17
CA TYR B 238 2.47 10.06 -34.86
C TYR B 238 3.63 11.05 -35.00
N PHE B 239 4.71 10.64 -35.68
CA PHE B 239 5.88 11.54 -35.81
C PHE B 239 5.57 12.84 -36.54
N ARG B 240 4.65 12.76 -37.52
CA ARG B 240 4.19 13.96 -38.22
C ARG B 240 3.44 14.89 -37.28
N ARG B 241 2.44 14.34 -36.58
CA ARG B 241 1.66 15.15 -35.62
C ARG B 241 2.59 15.87 -34.61
N VAL B 242 3.46 15.12 -33.94
CA VAL B 242 4.26 15.67 -32.85
C VAL B 242 5.37 16.60 -33.33
N THR B 243 5.90 16.39 -34.54
CA THR B 243 6.88 17.32 -35.09
C THR B 243 6.22 18.61 -35.64
N GLU B 244 4.97 18.53 -36.12
CA GLU B 244 4.21 19.72 -36.59
C GLU B 244 3.62 20.56 -35.44
N LYS B 245 3.16 19.89 -34.39
CA LYS B 245 2.57 20.57 -33.25
C LYS B 245 2.98 19.78 -31.99
N LYS B 246 3.87 20.37 -31.20
CA LYS B 246 4.41 19.72 -30.00
C LYS B 246 3.32 19.41 -28.97
N PRO B 247 3.27 18.15 -28.50
CA PRO B 247 2.25 17.82 -27.50
C PRO B 247 2.61 18.46 -26.17
N THR B 248 1.62 18.61 -25.29
CA THR B 248 1.80 19.41 -24.08
C THR B 248 1.49 18.70 -22.78
N GLY B 249 1.01 17.46 -22.83
CA GLY B 249 0.62 16.74 -21.65
C GLY B 249 1.76 15.96 -21.03
N LEU B 250 1.44 15.31 -19.93
CA LEU B 250 2.34 14.38 -19.28
C LEU B 250 1.82 12.97 -19.36
N VAL B 251 2.72 12.04 -19.09
CA VAL B 251 2.38 10.61 -19.11
C VAL B 251 3.07 9.94 -17.93
N THR B 252 2.30 9.17 -17.15
CA THR B 252 2.86 8.42 -16.06
C THR B 252 2.92 6.92 -16.37
N PHE B 253 4.07 6.30 -16.06
CA PHE B 253 4.29 4.87 -16.18
C PHE B 253 4.52 4.37 -14.78
N THR B 254 3.66 3.49 -14.30
CA THR B 254 3.76 2.97 -12.95
C THR B 254 3.90 1.44 -12.95
N ARG B 255 4.97 0.93 -12.40
CA ARG B 255 5.08 -0.53 -12.17
C ARG B 255 4.49 -0.83 -10.78
N GLN B 256 3.60 -1.80 -10.78
CA GLN B 256 2.92 -2.23 -9.59
C GLN B 256 3.18 -3.72 -9.40
N SER B 257 3.67 -4.05 -8.21
CA SER B 257 4.10 -5.38 -7.81
C SER B 257 3.52 -5.68 -6.43
N LEU B 258 2.64 -6.66 -6.35
CA LEU B 258 1.97 -6.97 -5.11
C LEU B 258 2.53 -8.30 -4.58
N GLU B 259 2.79 -8.35 -3.29
CA GLU B 259 3.19 -9.57 -2.64
C GLU B 259 2.01 -10.33 -2.01
N ASP B 260 0.96 -9.61 -1.62
CA ASP B 260 -0.16 -10.23 -0.90
C ASP B 260 -1.41 -10.11 -1.74
N PHE B 261 -2.24 -11.16 -1.75
CA PHE B 261 -3.43 -11.20 -2.61
C PHE B 261 -4.62 -11.61 -1.77
N PRO B 262 -5.85 -11.47 -2.30
CA PRO B 262 -7.02 -11.91 -1.54
C PRO B 262 -6.96 -13.39 -1.21
N GLU B 263 -7.64 -13.79 -0.14
CA GLU B 263 -7.82 -15.20 0.19
C GLU B 263 -9.07 -15.68 -0.56
N TRP B 264 -8.84 -16.02 -1.83
CA TRP B 264 -9.87 -16.20 -2.81
C TRP B 264 -10.97 -17.13 -2.32
N GLU B 265 -10.59 -18.20 -1.64
CA GLU B 265 -11.52 -19.19 -1.17
C GLU B 265 -12.44 -18.68 -0.05
N ARG B 266 -12.02 -17.64 0.65
CA ARG B 266 -12.84 -17.09 1.73
C ARG B 266 -13.26 -15.64 1.51
N CYS B 267 -12.93 -15.06 0.37
CA CYS B 267 -13.26 -13.66 0.06
C CYS B 267 -14.77 -13.38 0.17
N GLU B 268 -15.14 -12.35 0.92
CA GLU B 268 -16.56 -12.08 1.18
C GLU B 268 -17.05 -10.84 0.39
N LYS B 269 -16.20 -10.31 -0.48
CA LYS B 269 -16.62 -9.21 -1.34
C LYS B 269 -17.73 -9.67 -2.30
N PRO B 270 -18.76 -8.83 -2.48
CA PRO B 270 -19.86 -9.15 -3.43
C PRO B 270 -19.40 -8.93 -4.87
N LEU B 271 -20.06 -9.56 -5.85
CA LEU B 271 -19.84 -9.20 -7.25
C LEU B 271 -20.29 -7.76 -7.43
N THR B 272 -19.60 -7.07 -8.34
CA THR B 272 -19.87 -5.69 -8.67
C THR B 272 -20.76 -5.64 -9.95
N ARG B 273 -20.92 -4.47 -10.57
CA ARG B 273 -21.80 -4.34 -11.72
C ARG B 273 -21.10 -4.74 -13.01
N LEU B 274 -21.91 -5.20 -13.96
CA LEU B 274 -21.45 -5.61 -15.27
C LEU B 274 -22.25 -4.94 -16.37
N HIS B 275 -21.52 -4.48 -17.37
CA HIS B 275 -22.05 -4.16 -18.66
C HIS B 275 -21.32 -5.04 -19.67
N VAL B 276 -22.07 -5.74 -20.51
CA VAL B 276 -21.42 -6.64 -21.48
C VAL B 276 -22.05 -6.50 -22.86
N THR B 277 -21.19 -6.37 -23.87
CA THR B 277 -21.63 -6.03 -25.21
C THR B 277 -20.77 -6.71 -26.26
N TYR B 278 -21.41 -7.18 -27.34
CA TYR B 278 -20.67 -7.72 -28.49
C TYR B 278 -20.30 -6.70 -29.57
N GLU B 279 -20.60 -5.42 -29.31
CA GLU B 279 -20.20 -4.33 -30.19
C GLU B 279 -19.31 -3.35 -29.43
N GLY B 280 -18.72 -2.41 -30.14
CA GLY B 280 -17.85 -1.42 -29.54
C GLY B 280 -16.43 -1.91 -29.26
N THR B 281 -15.59 -0.98 -28.83
CA THR B 281 -14.22 -1.31 -28.47
C THR B 281 -13.81 -0.67 -27.15
N ILE B 282 -12.74 -1.21 -26.59
CA ILE B 282 -12.18 -0.75 -25.32
C ILE B 282 -11.74 0.70 -25.46
N GLU B 283 -10.96 0.98 -26.50
CA GLU B 283 -10.40 2.31 -26.71
C GLU B 283 -11.46 3.37 -27.06
N GLY B 284 -12.55 2.96 -27.71
CA GLY B 284 -13.62 3.89 -28.06
C GLY B 284 -14.72 3.99 -27.01
N ASN B 285 -15.36 2.86 -26.74
CA ASN B 285 -16.52 2.85 -25.85
C ASN B 285 -16.14 2.72 -24.36
N GLY B 286 -14.86 2.47 -24.09
CA GLY B 286 -14.32 2.48 -22.74
C GLY B 286 -13.50 3.72 -22.39
N ARG B 287 -13.83 4.84 -23.04
CA ARG B 287 -13.22 6.12 -22.75
C ARG B 287 -13.33 6.44 -21.25
N GLY B 288 -12.23 6.88 -20.66
CA GLY B 288 -12.19 7.21 -19.21
C GLY B 288 -12.25 6.03 -18.25
N MET B 289 -12.28 4.81 -18.78
CA MET B 289 -12.29 3.61 -17.96
C MET B 289 -10.92 2.98 -17.95
N LEU B 290 -10.68 2.10 -16.98
CA LEU B 290 -9.42 1.37 -16.89
C LEU B 290 -9.39 0.36 -18.03
N GLN B 291 -8.48 0.57 -18.99
CA GLN B 291 -8.52 -0.18 -20.22
C GLN B 291 -7.47 -1.28 -20.20
N VAL B 292 -7.92 -2.53 -20.33
CA VAL B 292 -6.99 -3.65 -20.29
C VAL B 292 -6.25 -3.82 -21.62
N ASP B 293 -4.92 -3.83 -21.53
CA ASP B 293 -4.02 -4.22 -22.64
C ASP B 293 -3.72 -5.70 -22.41
N PHE B 294 -4.09 -6.56 -23.36
CA PHE B 294 -3.83 -8.01 -23.27
C PHE B 294 -2.36 -8.24 -23.59
N ALA B 295 -1.54 -8.07 -22.58
CA ALA B 295 -0.09 -7.89 -22.79
C ALA B 295 0.71 -9.17 -22.96
N ASN B 296 1.83 -9.06 -23.67
CA ASN B 296 2.94 -9.92 -23.44
C ASN B 296 3.69 -9.44 -22.19
N ARG B 297 4.26 -10.38 -21.46
CA ARG B 297 5.02 -10.05 -20.26
C ARG B 297 6.19 -9.13 -20.59
N PHE B 298 6.76 -9.27 -21.79
CA PHE B 298 7.62 -8.21 -22.32
C PHE B 298 6.66 -7.19 -22.94
N VAL B 299 6.39 -6.11 -22.22
CA VAL B 299 5.26 -5.24 -22.58
C VAL B 299 5.37 -4.73 -24.03
N GLY B 300 4.21 -4.72 -24.68
CA GLY B 300 4.10 -4.37 -26.10
C GLY B 300 4.22 -5.49 -27.13
N GLY B 301 4.84 -6.60 -26.75
CA GLY B 301 5.08 -7.73 -27.63
C GLY B 301 5.87 -7.31 -28.83
N GLY B 302 5.49 -7.85 -30.00
CA GLY B 302 6.21 -7.56 -31.26
C GLY B 302 5.74 -6.30 -31.96
N VAL B 303 5.77 -5.18 -31.24
CA VAL B 303 5.34 -3.90 -31.74
C VAL B 303 5.89 -3.60 -33.13
N THR B 304 7.21 -3.75 -33.28
CA THR B 304 7.89 -3.44 -34.55
C THR B 304 8.11 -4.70 -35.39
N GLY B 305 7.74 -5.87 -34.85
CA GLY B 305 7.85 -7.15 -35.54
C GLY B 305 6.61 -7.47 -36.36
N ALA B 306 6.23 -8.75 -36.40
CA ALA B 306 5.06 -9.19 -37.17
C ALA B 306 3.76 -9.02 -36.38
N GLY B 307 3.83 -8.95 -35.06
CA GLY B 307 2.62 -8.93 -34.23
C GLY B 307 1.67 -7.77 -34.52
N LEU B 308 0.37 -8.08 -34.62
CA LEU B 308 -0.63 -7.04 -34.85
C LEU B 308 -2.01 -7.44 -34.32
N VAL B 309 -2.01 -7.88 -33.08
CA VAL B 309 -3.24 -8.20 -32.35
C VAL B 309 -3.43 -7.06 -31.35
N GLN B 310 -4.37 -7.22 -30.41
CA GLN B 310 -4.84 -6.12 -29.58
C GLN B 310 -3.73 -5.24 -28.98
N GLU B 311 -2.68 -5.85 -28.42
CA GLU B 311 -1.66 -5.07 -27.76
C GLU B 311 -0.88 -4.22 -28.76
N GLN B 312 -0.43 -4.84 -29.84
CA GLN B 312 0.42 -4.12 -30.79
C GLN B 312 -0.36 -2.98 -31.42
N ILE B 313 -1.66 -3.21 -31.65
CA ILE B 313 -2.50 -2.21 -32.26
C ILE B 313 -2.54 -1.00 -31.35
N ARG B 314 -2.77 -1.24 -30.07
CA ARG B 314 -2.83 -0.15 -29.12
C ARG B 314 -1.51 0.58 -29.00
N PHE B 315 -0.42 -0.16 -28.92
CA PHE B 315 0.90 0.46 -28.89
C PHE B 315 1.19 1.27 -30.16
N LEU B 316 0.57 0.91 -31.29
CA LEU B 316 0.79 1.69 -32.52
C LEU B 316 -0.08 2.95 -32.63
N ILE B 317 -1.34 2.85 -32.19
CA ILE B 317 -2.24 3.99 -32.29
C ILE B 317 -2.06 5.02 -31.15
N ASN B 318 -1.50 4.57 -30.02
CA ASN B 318 -1.04 5.40 -28.95
C ASN B 318 0.46 5.12 -28.76
N PRO B 319 1.31 5.60 -29.68
CA PRO B 319 2.76 5.26 -29.66
C PRO B 319 3.51 5.61 -28.38
N GLU B 320 3.02 6.58 -27.60
CA GLU B 320 3.67 6.88 -26.33
C GLU B 320 3.77 5.65 -25.40
N LEU B 321 2.89 4.67 -25.57
CA LEU B 321 3.03 3.39 -24.85
C LEU B 321 4.36 2.72 -25.17
N ILE B 322 4.82 2.83 -26.41
CA ILE B 322 6.04 2.14 -26.84
C ILE B 322 7.23 2.43 -25.93
N VAL B 323 7.32 3.64 -25.42
CA VAL B 323 8.51 4.08 -24.67
C VAL B 323 8.67 3.31 -23.37
N SER B 324 7.55 2.77 -22.82
CA SER B 324 7.64 1.88 -21.69
C SER B 324 8.66 0.75 -21.91
N ARG B 325 8.89 0.37 -23.15
CA ARG B 325 9.82 -0.72 -23.46
C ARG B 325 11.26 -0.36 -23.18
N LEU B 326 11.53 0.93 -23.11
CA LEU B 326 12.89 1.44 -22.83
C LEU B 326 13.31 1.14 -21.38
N PHE B 327 12.35 1.14 -20.47
CA PHE B 327 12.67 1.06 -19.03
C PHE B 327 11.88 0.03 -18.22
N THR B 328 11.00 -0.75 -18.85
CA THR B 328 10.17 -1.67 -18.09
C THR B 328 10.61 -3.11 -18.25
N GLU B 329 11.18 -3.67 -17.19
CA GLU B 329 11.62 -5.05 -17.20
C GLU B 329 10.47 -6.01 -17.37
N VAL B 330 10.75 -7.19 -17.94
CA VAL B 330 9.72 -8.17 -18.11
C VAL B 330 8.82 -8.33 -16.85
N LEU B 331 7.52 -8.45 -17.04
CA LEU B 331 6.60 -8.64 -15.88
C LEU B 331 6.67 -10.01 -15.24
N ASP B 332 6.78 -10.06 -13.90
CA ASP B 332 6.64 -11.30 -13.14
C ASP B 332 5.12 -11.48 -12.87
N HIS B 333 4.77 -12.66 -12.39
CA HIS B 333 3.36 -13.07 -12.18
C HIS B 333 2.53 -12.11 -11.33
N ASN B 334 3.17 -11.44 -10.38
CA ASN B 334 2.50 -10.54 -9.42
C ASN B 334 2.59 -9.04 -9.81
N GLU B 335 2.86 -8.78 -11.09
CA GLU B 335 3.19 -7.44 -11.57
C GLU B 335 2.37 -6.97 -12.77
N CYS B 336 2.26 -5.65 -12.92
CA CYS B 336 1.68 -5.02 -14.11
C CYS B 336 2.28 -3.64 -14.28
N LEU B 337 1.95 -3.06 -15.42
CA LEU B 337 2.37 -1.71 -15.77
C LEU B 337 1.14 -0.91 -16.06
N ILE B 338 1.02 0.23 -15.39
CA ILE B 338 -0.09 1.13 -15.53
C ILE B 338 0.41 2.43 -16.20
N ILE B 339 -0.19 2.80 -17.33
CA ILE B 339 0.20 4.02 -18.06
C ILE B 339 -1.00 4.93 -18.18
N THR B 340 -0.86 6.16 -17.69
CA THR B 340 -1.89 7.18 -17.71
C THR B 340 -1.45 8.41 -18.51
N GLY B 341 -2.27 8.82 -19.47
CA GLY B 341 -2.03 10.05 -20.22
C GLY B 341 -1.63 9.88 -21.66
N THR B 342 -1.52 8.65 -22.15
CA THR B 342 -1.19 8.46 -23.58
C THR B 342 -2.34 8.94 -24.46
N GLU B 343 -1.92 9.46 -25.61
CA GLU B 343 -2.79 10.06 -26.59
C GLU B 343 -2.99 9.15 -27.79
N GLN B 344 -4.21 9.12 -28.32
CA GLN B 344 -4.50 8.41 -29.57
C GLN B 344 -4.21 9.26 -30.80
N TYR B 345 -3.27 8.80 -31.63
CA TYR B 345 -2.81 9.58 -32.79
C TYR B 345 -3.34 9.06 -34.13
N SER B 346 -3.83 7.82 -34.15
CA SER B 346 -4.31 7.17 -35.36
C SER B 346 -5.62 6.43 -35.14
N GLU B 347 -6.35 6.26 -36.24
CA GLU B 347 -7.49 5.35 -36.31
C GLU B 347 -7.15 4.28 -37.34
N TYR B 348 -7.77 3.12 -37.17
CA TYR B 348 -7.44 1.93 -37.93
C TYR B 348 -8.72 1.19 -38.31
N THR B 349 -8.63 0.36 -39.34
CA THR B 349 -9.67 -0.62 -39.61
C THR B 349 -9.06 -1.98 -39.48
N GLY B 350 -9.90 -2.97 -39.25
CA GLY B 350 -9.48 -4.36 -39.28
C GLY B 350 -8.66 -4.77 -38.07
N TYR B 351 -7.92 -5.86 -38.23
CA TYR B 351 -7.27 -6.54 -37.12
C TYR B 351 -6.28 -7.56 -37.67
N ALA B 352 -5.10 -7.66 -37.06
CA ALA B 352 -4.07 -8.59 -37.52
C ALA B 352 -3.80 -8.46 -39.02
N GLU B 353 -3.98 -9.50 -39.82
CA GLU B 353 -3.64 -9.44 -41.24
C GLU B 353 -4.52 -8.46 -42.05
N THR B 354 -5.68 -8.09 -41.51
CA THR B 354 -6.55 -7.10 -42.12
C THR B 354 -6.37 -5.68 -41.54
N TYR B 355 -5.42 -5.49 -40.61
CA TYR B 355 -5.23 -4.18 -39.99
C TYR B 355 -4.83 -3.18 -41.06
N ARG B 356 -5.44 -2.00 -41.03
CA ARG B 356 -5.03 -0.91 -41.90
C ARG B 356 -5.06 0.40 -41.14
N TRP B 357 -4.03 1.22 -41.30
CA TRP B 357 -4.08 2.60 -40.83
C TRP B 357 -5.18 3.28 -41.64
N ALA B 358 -6.08 3.99 -40.95
CA ALA B 358 -7.24 4.62 -41.60
C ALA B 358 -7.06 6.13 -41.83
N ARG B 359 -6.58 6.83 -40.81
CA ARG B 359 -6.53 8.30 -40.81
C ARG B 359 -5.91 8.74 -39.50
N SER B 360 -5.56 10.01 -39.41
CA SER B 360 -5.16 10.59 -38.15
C SER B 360 -6.35 10.62 -37.18
N HIS B 361 -6.05 10.72 -35.88
CA HIS B 361 -7.06 10.89 -34.83
C HIS B 361 -6.69 12.13 -34.05
N GLU B 362 -7.69 12.94 -33.74
CA GLU B 362 -7.50 14.17 -32.99
C GLU B 362 -8.12 13.87 -31.64
N ASP B 363 -7.27 13.47 -30.70
CA ASP B 363 -7.69 13.01 -29.38
C ASP B 363 -8.39 14.14 -28.65
N GLY B 364 -9.62 13.88 -28.22
CA GLY B 364 -10.46 14.92 -27.59
C GLY B 364 -10.59 14.77 -26.08
N SER B 365 -9.87 13.81 -25.51
CA SER B 365 -9.94 13.57 -24.07
C SER B 365 -9.56 14.83 -23.28
N GLU B 366 -10.23 15.00 -22.14
CA GLU B 366 -9.81 16.00 -21.16
C GLU B 366 -8.52 15.56 -20.46
N LYS B 367 -7.89 16.49 -19.77
CA LYS B 367 -6.72 16.17 -18.99
C LYS B 367 -6.99 16.32 -17.49
N ASP B 368 -6.28 15.54 -16.68
CA ASP B 368 -6.32 15.70 -15.21
C ASP B 368 -5.44 16.86 -14.74
N ASP B 369 -5.39 17.12 -13.43
CA ASP B 369 -4.63 18.26 -12.89
C ASP B 369 -3.11 18.13 -13.03
N TRP B 370 -2.63 16.95 -13.45
CA TRP B 370 -1.22 16.79 -13.80
C TRP B 370 -1.00 16.85 -15.32
N GLN B 371 -1.98 17.40 -16.04
CA GLN B 371 -1.97 17.49 -17.49
C GLN B 371 -1.79 16.13 -18.20
N ARG B 372 -2.39 15.11 -17.61
CA ARG B 372 -2.37 13.82 -18.19
C ARG B 372 -3.74 13.54 -18.79
N ARG B 373 -3.77 13.12 -20.06
CA ARG B 373 -5.04 12.77 -20.68
C ARG B 373 -5.74 11.71 -19.85
N CYS B 374 -7.07 11.78 -19.82
CA CYS B 374 -7.85 10.85 -19.02
C CYS B 374 -8.02 9.50 -19.72
N THR B 375 -6.85 8.88 -19.96
CA THR B 375 -6.73 7.59 -20.59
C THR B 375 -5.81 6.75 -19.74
N GLU B 376 -6.33 5.67 -19.17
CA GLU B 376 -5.54 4.84 -18.31
C GLU B 376 -5.54 3.40 -18.84
N ILE B 377 -4.35 2.90 -19.15
CA ILE B 377 -4.19 1.58 -19.74
C ILE B 377 -3.36 0.72 -18.78
N VAL B 378 -3.73 -0.54 -18.61
CA VAL B 378 -2.96 -1.44 -17.76
C VAL B 378 -2.56 -2.69 -18.53
N ALA B 379 -1.26 -2.98 -18.56
CA ALA B 379 -0.72 -4.13 -19.23
C ALA B 379 -0.66 -5.27 -18.24
N ILE B 380 -1.46 -6.30 -18.49
CA ILE B 380 -1.45 -7.51 -17.72
C ILE B 380 -1.38 -8.65 -18.72
N ASP B 381 -0.40 -9.54 -18.52
CA ASP B 381 -0.18 -10.67 -19.39
C ASP B 381 -0.87 -11.89 -18.84
N ALA B 382 -1.71 -12.50 -19.68
CA ALA B 382 -2.33 -13.78 -19.40
C ALA B 382 -1.33 -14.88 -19.65
N LEU B 383 -1.57 -16.02 -19.02
CA LEU B 383 -0.81 -17.20 -19.40
C LEU B 383 -1.27 -17.73 -20.76
N HIS B 384 -0.37 -18.46 -21.42
CA HIS B 384 -0.74 -19.23 -22.59
C HIS B 384 -0.99 -20.63 -22.11
N PHE B 385 -2.02 -21.24 -22.66
CA PHE B 385 -2.38 -22.60 -22.32
C PHE B 385 -2.30 -23.53 -23.52
N ARG B 386 -1.14 -24.19 -23.64
CA ARG B 386 -0.90 -25.17 -24.68
C ARG B 386 -1.58 -26.50 -24.42
N ARG B 387 -2.14 -26.67 -23.22
CA ARG B 387 -3.02 -27.80 -22.95
C ARG B 387 -4.21 -27.21 -22.22
N TYR B 388 -5.39 -27.41 -22.80
CA TYR B 388 -6.62 -26.71 -22.42
C TYR B 388 -6.92 -26.81 -20.93
N LEU B 389 -6.93 -28.02 -20.41
CA LEU B 389 -7.34 -28.25 -19.03
C LEU B 389 -6.44 -27.61 -17.98
N ASP B 390 -5.20 -27.26 -18.33
CA ASP B 390 -4.27 -26.68 -17.38
C ASP B 390 -4.82 -25.46 -16.68
N GLN B 391 -5.64 -24.71 -17.40
CA GLN B 391 -6.12 -23.48 -16.89
C GLN B 391 -7.18 -23.62 -15.78
N PHE B 392 -7.79 -24.79 -15.67
CA PHE B 392 -8.74 -25.01 -14.59
C PHE B 392 -8.07 -25.52 -13.31
N VAL B 393 -6.76 -25.76 -13.36
CA VAL B 393 -6.04 -26.22 -12.16
C VAL B 393 -6.03 -25.04 -11.17
N PRO B 394 -6.30 -25.29 -9.87
CA PRO B 394 -6.46 -24.13 -9.00
C PRO B 394 -5.29 -23.16 -8.99
N GLU B 395 -4.06 -23.67 -8.99
CA GLU B 395 -2.87 -22.84 -9.12
C GLU B 395 -2.98 -21.85 -10.28
N LYS B 396 -3.43 -22.30 -11.44
CA LYS B 396 -3.54 -21.46 -12.63
C LYS B 396 -4.70 -20.47 -12.60
N VAL B 397 -5.83 -20.87 -12.03
CA VAL B 397 -6.93 -19.95 -11.76
C VAL B 397 -6.47 -18.81 -10.84
N ARG B 398 -5.78 -19.18 -9.77
CA ARG B 398 -5.28 -18.20 -8.83
C ARG B 398 -4.23 -17.31 -9.51
N ARG B 399 -3.37 -17.90 -10.33
CA ARG B 399 -2.38 -17.04 -11.00
C ARG B 399 -3.07 -15.94 -11.80
N GLU B 400 -4.08 -16.30 -12.61
CA GLU B 400 -4.78 -15.29 -13.41
C GLU B 400 -5.61 -14.34 -12.55
N LEU B 401 -6.26 -14.85 -11.52
CA LEU B 401 -6.91 -13.94 -10.60
C LEU B 401 -5.98 -12.89 -10.06
N ASN B 402 -4.80 -13.33 -9.61
CA ASN B 402 -3.85 -12.46 -8.99
C ASN B 402 -3.26 -11.46 -9.96
N LYS B 403 -2.98 -11.93 -11.18
CA LYS B 403 -2.54 -11.01 -12.24
C LYS B 403 -3.60 -9.92 -12.56
N ALA B 404 -4.84 -10.34 -12.76
CA ALA B 404 -5.90 -9.35 -12.96
C ALA B 404 -6.07 -8.44 -11.76
N TYR B 405 -6.04 -9.00 -10.55
CA TYR B 405 -6.25 -8.17 -9.33
C TYR B 405 -5.16 -7.08 -9.20
N CYS B 406 -3.92 -7.47 -9.50
CA CYS B 406 -2.82 -6.51 -9.49
C CYS B 406 -3.08 -5.37 -10.45
N GLY B 407 -3.59 -5.68 -11.63
CA GLY B 407 -3.84 -4.68 -12.67
C GLY B 407 -5.00 -3.77 -12.34
N PHE B 408 -5.96 -4.27 -11.55
CA PHE B 408 -7.14 -3.49 -11.16
C PHE B 408 -7.04 -2.71 -9.84
N LEU B 409 -6.28 -3.23 -8.86
CA LEU B 409 -6.21 -2.64 -7.51
C LEU B 409 -5.46 -1.32 -7.54
N ARG B 410 -5.98 -0.35 -6.82
CA ARG B 410 -5.28 0.93 -6.69
C ARG B 410 -5.13 1.26 -5.20
N PRO B 411 -4.02 0.80 -4.59
CA PRO B 411 -3.83 0.99 -3.13
C PRO B 411 -3.99 2.45 -2.69
N GLY B 412 -4.87 2.66 -1.72
CA GLY B 412 -5.06 4.00 -1.14
C GLY B 412 -6.09 4.83 -1.87
N VAL B 413 -6.80 4.22 -2.84
CA VAL B 413 -7.82 4.94 -3.58
C VAL B 413 -9.20 4.39 -3.23
N PRO B 414 -10.11 5.25 -2.76
CA PRO B 414 -11.44 4.72 -2.47
C PRO B 414 -12.11 4.19 -3.73
N SER B 415 -12.94 3.16 -3.56
CA SER B 415 -13.62 2.48 -4.66
C SER B 415 -14.51 3.43 -5.45
N GLU B 416 -15.08 4.42 -4.76
CA GLU B 416 -15.94 5.42 -5.39
C GLU B 416 -15.18 6.27 -6.41
N ASN B 417 -13.85 6.27 -6.32
CA ASN B 417 -13.02 7.04 -7.23
C ASN B 417 -12.34 6.22 -8.29
N LEU B 418 -12.77 4.96 -8.42
CA LEU B 418 -12.26 4.07 -9.44
C LEU B 418 -13.26 3.94 -10.59
N SER B 419 -12.74 4.16 -11.78
CA SER B 419 -13.47 3.85 -13.01
C SER B 419 -13.75 2.33 -13.12
N ALA B 420 -14.78 2.00 -13.89
CA ALA B 420 -14.99 0.62 -14.37
C ALA B 420 -13.78 0.13 -15.14
N VAL B 421 -13.58 -1.19 -15.09
CA VAL B 421 -12.59 -1.86 -15.91
C VAL B 421 -13.22 -2.17 -17.27
N ALA B 422 -12.50 -1.81 -18.32
CA ALA B 422 -12.94 -2.07 -19.68
C ALA B 422 -12.05 -3.11 -20.26
N THR B 423 -12.63 -4.27 -20.48
CA THR B 423 -11.88 -5.45 -20.85
C THR B 423 -12.63 -6.37 -21.84
N GLY B 424 -12.02 -7.51 -22.13
CA GLY B 424 -12.62 -8.46 -23.04
C GLY B 424 -12.03 -9.84 -22.84
N ASN B 425 -11.94 -10.60 -23.93
CA ASN B 425 -11.47 -11.98 -23.92
C ASN B 425 -9.91 -12.08 -23.81
N TRP B 426 -9.40 -11.81 -22.62
CA TRP B 426 -7.95 -11.72 -22.29
C TRP B 426 -7.27 -13.09 -22.41
N GLY B 427 -6.23 -13.21 -23.24
CA GLY B 427 -5.55 -14.50 -23.44
C GLY B 427 -6.32 -15.69 -24.02
N CYS B 428 -7.48 -15.42 -24.62
CA CYS B 428 -8.27 -16.45 -25.26
C CYS B 428 -7.85 -16.71 -26.73
N GLY B 429 -8.74 -17.34 -27.49
CA GLY B 429 -8.46 -17.75 -28.87
C GLY B 429 -7.18 -18.57 -28.98
N ALA B 430 -6.26 -18.12 -29.85
CA ALA B 430 -5.06 -18.89 -30.13
C ALA B 430 -4.07 -19.04 -28.95
N PHE B 431 -4.18 -18.15 -27.96
CA PHE B 431 -3.35 -18.24 -26.74
C PHE B 431 -3.88 -19.31 -25.77
N GLY B 432 -5.09 -19.80 -25.99
CA GLY B 432 -5.52 -21.02 -25.37
C GLY B 432 -6.51 -20.82 -24.22
N GLY B 433 -6.72 -19.60 -23.80
CA GLY B 433 -7.59 -19.38 -22.66
C GLY B 433 -9.04 -19.63 -23.00
N ASP B 434 -9.82 -20.02 -22.01
CA ASP B 434 -11.28 -20.23 -22.18
C ASP B 434 -12.04 -18.94 -21.87
N ALA B 435 -12.79 -18.44 -22.85
CA ALA B 435 -13.39 -17.13 -22.71
C ALA B 435 -14.35 -17.08 -21.53
N ARG B 436 -15.11 -18.15 -21.30
CA ARG B 436 -16.08 -18.12 -20.22
C ARG B 436 -15.40 -18.16 -18.85
N LEU B 437 -14.35 -18.97 -18.70
CA LEU B 437 -13.54 -18.95 -17.47
C LEU B 437 -12.87 -17.60 -17.25
N LYS B 438 -12.28 -17.07 -18.33
CA LYS B 438 -11.50 -15.84 -18.22
C LYS B 438 -12.41 -14.66 -17.86
N ALA B 439 -13.66 -14.66 -18.34
CA ALA B 439 -14.61 -13.64 -17.95
C ALA B 439 -14.90 -13.68 -16.45
N LEU B 440 -15.19 -14.87 -15.94
CA LEU B 440 -15.48 -15.05 -14.51
C LEU B 440 -14.28 -14.72 -13.63
N ILE B 441 -13.08 -15.09 -14.11
CA ILE B 441 -11.83 -14.68 -13.45
C ILE B 441 -11.72 -13.16 -13.36
N GLN B 442 -11.91 -12.46 -14.46
CA GLN B 442 -11.85 -11.01 -14.43
C GLN B 442 -12.99 -10.39 -13.59
N ILE B 443 -14.17 -11.00 -13.63
CA ILE B 443 -15.27 -10.51 -12.78
C ILE B 443 -14.92 -10.62 -11.28
N LEU B 444 -14.35 -11.75 -10.85
CA LEU B 444 -13.95 -11.94 -9.48
C LEU B 444 -12.82 -11.03 -9.05
N ALA B 445 -11.85 -10.83 -9.92
CA ALA B 445 -10.72 -10.00 -9.56
C ALA B 445 -11.15 -8.54 -9.41
N ALA B 446 -12.01 -8.08 -10.31
CA ALA B 446 -12.61 -6.75 -10.26
C ALA B 446 -13.48 -6.63 -9.02
N ALA B 447 -14.24 -7.67 -8.69
CA ALA B 447 -15.07 -7.63 -7.46
C ALA B 447 -14.15 -7.42 -6.24
N ALA B 448 -13.08 -8.21 -6.17
CA ALA B 448 -12.14 -8.11 -5.05
C ALA B 448 -11.51 -6.71 -4.97
N ALA B 449 -11.30 -6.09 -6.12
CA ALA B 449 -10.69 -4.73 -6.23
C ALA B 449 -11.78 -3.67 -6.19
N GLU B 450 -13.02 -4.10 -5.96
CA GLU B 450 -14.16 -3.19 -5.83
C GLU B 450 -14.39 -2.26 -7.06
N ARG B 451 -14.20 -2.80 -8.26
CA ARG B 451 -14.50 -2.11 -9.51
C ARG B 451 -15.58 -2.86 -10.27
N ASP B 452 -16.38 -2.09 -11.00
CA ASP B 452 -17.36 -2.63 -11.96
C ASP B 452 -16.64 -3.04 -13.23
N VAL B 453 -17.34 -3.82 -14.06
CA VAL B 453 -16.77 -4.37 -15.27
C VAL B 453 -17.57 -3.99 -16.49
N VAL B 454 -16.82 -3.54 -17.51
CA VAL B 454 -17.39 -3.33 -18.81
C VAL B 454 -16.66 -4.24 -19.77
N TYR B 455 -17.40 -5.19 -20.33
CA TYR B 455 -16.83 -6.35 -21.04
C TYR B 455 -17.27 -6.40 -22.52
N PHE B 456 -16.26 -6.39 -23.39
CA PHE B 456 -16.43 -6.32 -24.83
C PHE B 456 -16.09 -7.68 -25.42
N THR B 457 -17.08 -8.31 -26.05
CA THR B 457 -16.88 -9.66 -26.58
C THR B 457 -16.53 -9.68 -28.08
N PHE B 458 -16.51 -8.51 -28.71
CA PHE B 458 -16.02 -8.34 -30.08
C PHE B 458 -16.67 -9.30 -31.08
N GLY B 459 -17.99 -9.19 -31.21
CA GLY B 459 -18.73 -9.93 -32.20
C GLY B 459 -19.40 -11.20 -31.70
N ASP B 460 -19.04 -11.67 -30.51
CA ASP B 460 -19.56 -12.92 -29.98
C ASP B 460 -20.81 -12.66 -29.14
N SER B 461 -21.95 -12.63 -29.80
CA SER B 461 -23.23 -12.32 -29.13
C SER B 461 -23.65 -13.39 -28.14
N GLU B 462 -23.39 -14.64 -28.48
CA GLU B 462 -23.74 -15.74 -27.58
C GLU B 462 -22.92 -15.61 -26.28
N LEU B 463 -21.64 -15.25 -26.40
CA LEU B 463 -20.75 -15.12 -25.28
C LEU B 463 -21.24 -14.00 -24.39
N MET B 464 -21.62 -12.87 -25.01
CA MET B 464 -22.24 -11.76 -24.28
C MET B 464 -23.41 -12.26 -23.42
N ARG B 465 -24.31 -12.97 -24.05
CA ARG B 465 -25.49 -13.47 -23.35
C ARG B 465 -25.06 -14.40 -22.21
N ASP B 466 -24.06 -15.23 -22.48
CA ASP B 466 -23.69 -16.27 -21.50
C ASP B 466 -23.04 -15.63 -20.29
N ILE B 467 -22.21 -14.63 -20.53
CA ILE B 467 -21.56 -13.92 -19.44
C ILE B 467 -22.61 -13.21 -18.61
N TYR B 468 -23.52 -12.49 -19.26
CA TYR B 468 -24.58 -11.75 -18.56
C TYR B 468 -25.44 -12.71 -17.74
N SER B 469 -25.85 -13.79 -18.37
CA SER B 469 -26.70 -14.76 -17.69
C SER B 469 -26.03 -15.33 -16.43
N MET B 470 -24.72 -15.62 -16.50
CA MET B 470 -23.99 -16.13 -15.36
C MET B 470 -23.81 -15.07 -14.28
N HIS B 471 -23.41 -13.88 -14.68
CA HIS B 471 -23.25 -12.80 -13.73
C HIS B 471 -24.57 -12.57 -12.99
N THR B 472 -25.67 -12.56 -13.72
CA THR B 472 -27.01 -12.33 -13.13
C THR B 472 -27.36 -13.40 -12.12
N PHE B 473 -27.15 -14.65 -12.49
CA PHE B 473 -27.42 -15.79 -11.60
C PHE B 473 -26.63 -15.67 -10.29
N LEU B 474 -25.33 -15.44 -10.40
CA LEU B 474 -24.47 -15.45 -9.24
C LEU B 474 -24.80 -14.25 -8.35
N THR B 475 -25.14 -13.14 -8.99
CA THR B 475 -25.50 -11.92 -8.28
C THR B 475 -26.84 -12.09 -7.53
N GLU B 476 -27.82 -12.66 -8.20
CA GLU B 476 -29.16 -12.83 -7.62
C GLU B 476 -29.13 -13.86 -6.49
N ARG B 477 -28.26 -14.87 -6.62
CA ARG B 477 -28.16 -15.89 -5.59
C ARG B 477 -27.17 -15.52 -4.51
N LYS B 478 -26.58 -14.34 -4.60
CA LYS B 478 -25.80 -13.72 -3.53
C LYS B 478 -24.52 -14.50 -3.22
N LEU B 479 -23.88 -15.02 -4.27
CA LEU B 479 -22.63 -15.75 -4.10
C LEU B 479 -21.54 -14.73 -4.15
N ASP B 480 -20.75 -14.66 -3.07
CA ASP B 480 -19.63 -13.72 -3.04
C ASP B 480 -18.41 -14.31 -3.74
N VAL B 481 -17.32 -13.55 -3.82
CA VAL B 481 -16.12 -14.06 -4.53
C VAL B 481 -15.71 -15.46 -4.09
N GLY B 482 -15.65 -15.69 -2.77
CA GLY B 482 -15.20 -16.99 -2.28
C GLY B 482 -16.11 -18.14 -2.64
N LYS B 483 -17.41 -17.93 -2.58
CA LYS B 483 -18.35 -18.99 -2.95
C LYS B 483 -18.22 -19.34 -4.44
N VAL B 484 -18.01 -18.34 -5.28
CA VAL B 484 -17.77 -18.58 -6.71
C VAL B 484 -16.45 -19.34 -6.91
N TYR B 485 -15.39 -18.89 -6.24
CA TYR B 485 -14.10 -19.56 -6.32
C TYR B 485 -14.23 -21.03 -5.95
N LYS B 486 -14.95 -21.30 -4.86
CA LYS B 486 -15.21 -22.67 -4.44
C LYS B 486 -15.94 -23.48 -5.50
N LEU B 487 -16.81 -22.86 -6.29
CA LEU B 487 -17.44 -23.54 -7.42
C LEU B 487 -16.43 -23.88 -8.52
N LEU B 488 -15.51 -22.95 -8.80
CA LEU B 488 -14.43 -23.28 -9.71
C LEU B 488 -13.58 -24.45 -9.25
N LEU B 489 -13.28 -24.49 -7.96
CA LEU B 489 -12.55 -25.63 -7.40
C LEU B 489 -13.34 -26.94 -7.50
N ARG B 490 -14.64 -26.92 -7.20
CA ARG B 490 -15.49 -28.09 -7.45
C ARG B 490 -15.42 -28.60 -8.89
N TYR B 491 -15.52 -27.67 -9.84
CA TYR B 491 -15.47 -28.01 -11.26
C TYR B 491 -14.17 -28.69 -11.55
N TYR B 492 -13.09 -28.14 -11.03
CA TYR B 492 -11.78 -28.78 -11.21
C TYR B 492 -11.77 -30.21 -10.64
N ASN B 493 -12.04 -30.31 -9.35
CA ASN B 493 -11.99 -31.60 -8.69
C ASN B 493 -12.97 -32.64 -9.22
N GLU B 494 -14.14 -32.21 -9.68
CA GLU B 494 -15.21 -33.15 -10.03
C GLU B 494 -15.28 -33.47 -11.52
N GLU B 495 -14.78 -32.57 -12.38
CA GLU B 495 -14.86 -32.74 -13.83
C GLU B 495 -13.53 -32.62 -14.61
N CYS B 496 -12.49 -32.07 -14.02
CA CYS B 496 -11.23 -31.81 -14.79
C CYS B 496 -10.05 -32.69 -14.39
N ARG B 497 -9.84 -32.80 -13.07
CA ARG B 497 -8.69 -33.46 -12.48
C ARG B 497 -8.49 -34.86 -13.09
N ASN B 498 -9.57 -35.61 -13.28
CA ASN B 498 -9.46 -36.97 -13.82
C ASN B 498 -10.00 -37.15 -15.24
N CYS B 499 -10.01 -36.07 -16.01
CA CYS B 499 -10.59 -36.09 -17.34
C CYS B 499 -9.55 -36.58 -18.34
N SER B 500 -9.87 -37.66 -19.05
CA SER B 500 -8.94 -38.26 -20.03
C SER B 500 -9.05 -37.68 -21.45
N THR B 501 -9.99 -36.76 -21.66
CA THR B 501 -10.20 -36.10 -22.95
C THR B 501 -9.78 -34.66 -22.85
N PRO B 502 -9.55 -34.00 -24.01
CA PRO B 502 -9.04 -32.61 -23.97
C PRO B 502 -9.87 -31.65 -23.14
N GLY B 503 -11.19 -31.83 -23.14
CA GLY B 503 -12.07 -31.06 -22.28
C GLY B 503 -13.15 -31.96 -21.72
N PRO B 504 -13.75 -31.58 -20.59
CA PRO B 504 -14.75 -32.43 -19.94
C PRO B 504 -16.09 -32.44 -20.64
N ASP B 505 -16.87 -33.48 -20.41
CA ASP B 505 -18.22 -33.55 -20.99
C ASP B 505 -19.08 -32.37 -20.54
N ILE B 506 -18.97 -31.97 -19.27
CA ILE B 506 -19.76 -30.85 -18.79
C ILE B 506 -18.91 -29.60 -18.69
N LYS B 507 -19.44 -28.54 -19.25
CA LYS B 507 -18.77 -27.27 -19.30
C LYS B 507 -18.93 -26.50 -18.00
N LEU B 508 -18.08 -25.50 -17.83
CA LEU B 508 -18.05 -24.74 -16.56
C LEU B 508 -19.37 -24.08 -16.16
N TYR B 509 -19.98 -23.33 -17.08
CA TYR B 509 -21.19 -22.58 -16.74
C TYR B 509 -22.37 -23.52 -16.42
N PRO B 510 -22.64 -24.55 -17.24
CA PRO B 510 -23.66 -25.54 -16.87
C PRO B 510 -23.38 -26.23 -15.55
N PHE B 511 -22.12 -26.57 -15.30
CA PHE B 511 -21.72 -27.10 -13.99
C PHE B 511 -22.14 -26.16 -12.86
N ILE B 512 -21.85 -24.88 -13.03
CA ILE B 512 -22.15 -23.90 -12.00
C ILE B 512 -23.68 -23.85 -11.74
N TYR B 513 -24.48 -23.80 -12.80
CA TYR B 513 -25.91 -23.68 -12.64
C TYR B 513 -26.45 -24.89 -11.91
N HIS B 514 -26.05 -26.06 -12.39
CA HIS B 514 -26.49 -27.30 -11.77
C HIS B 514 -26.07 -27.37 -10.29
N ALA B 515 -24.82 -27.02 -10.01
CA ALA B 515 -24.31 -27.04 -8.61
C ALA B 515 -25.13 -26.17 -7.66
N VAL B 516 -25.39 -24.93 -8.06
CA VAL B 516 -26.19 -24.04 -7.24
C VAL B 516 -27.66 -24.50 -7.13
N GLU B 517 -28.27 -24.89 -8.25
CA GLU B 517 -29.67 -25.35 -8.30
C GLU B 517 -29.89 -26.66 -7.53
N SER B 518 -28.81 -27.42 -7.35
CA SER B 518 -28.79 -28.63 -6.54
C SER B 518 -28.52 -28.39 -5.04
N SER B 519 -28.10 -27.20 -4.65
CA SER B 519 -27.63 -26.96 -3.29
C SER B 519 -28.77 -26.76 -2.31
N ALA B 520 -28.52 -27.10 -1.05
CA ALA B 520 -29.54 -27.07 0.01
C ALA B 520 -29.77 -25.65 0.54
N1 V3L C . -2.14 22.31 7.12
C2 V3L C . -2.45 23.18 6.14
N3 V3L C . -1.61 24.17 5.79
C4 V3L C . -0.43 24.32 6.44
C5 V3L C . -0.04 23.47 7.46
C6 V3L C . -0.99 22.40 7.81
N6 V3L C . -0.70 21.51 8.80
N7 V3L C . 1.16 23.87 7.91
C8 V3L C . 1.52 24.95 7.16
N9 V3L C . 0.54 25.21 6.29
P V3L C . 5.20 26.50 1.71
PB V3L C . -3.29 33.13 9.27
C10 V3L C . -1.36 28.59 6.05
C1' V3L C . 0.52 26.29 5.27
OP3 V3L C . 5.01 25.56 0.54
O1B V3L C . -2.74 33.28 10.67
C12 V3L C . -2.23 29.65 5.38
O12 V3L C . -2.10 29.65 3.96
C2' V3L C . 0.81 27.63 5.90
O2' V3L C . -0.11 28.55 5.38
OP1 V3L C . 5.37 27.95 1.32
O2B V3L C . -3.37 34.41 8.48
C13 V3L C . -1.68 30.92 6.00
O13 V3L C . -0.56 31.40 5.26
C3' V3L C . 2.19 27.98 5.44
O3' V3L C . 2.39 29.39 5.28
OP2 V3L C . 6.18 26.01 2.75
O3B V3L C . -4.53 32.28 9.15
C14 V3L C . -1.19 30.49 7.37
O14 V3L C . -1.11 29.07 7.36
C4' V3L C . 2.29 27.23 4.13
O4' V3L C . 1.56 26.03 4.34
C15 V3L C . -2.18 30.90 8.44
O15 V3L C . -2.12 32.32 8.53
C5' V3L C . 3.74 26.95 3.80
O5' V3L C . 3.79 26.47 2.47
S SO4 D . -16.72 -27.36 19.06
O1 SO4 D . -17.98 -26.91 18.42
O2 SO4 D . -15.62 -26.49 18.59
O3 SO4 D . -16.89 -27.29 20.53
O4 SO4 D . -16.42 -28.76 18.71
S SO4 E . -22.54 13.25 28.41
O1 SO4 E . -23.50 14.16 29.07
O2 SO4 E . -21.57 14.04 27.61
O3 SO4 E . -21.79 12.49 29.43
O4 SO4 E . -23.25 12.34 27.49
S SO4 F . 9.50 16.85 -0.30
O1 SO4 F . 9.09 18.26 -0.04
O2 SO4 F . 10.17 16.79 -1.62
O3 SO4 F . 10.50 16.40 0.70
O4 SO4 F . 8.29 16.02 -0.28
S SO4 G . -10.36 -2.95 34.04
O1 SO4 G . -10.82 -2.01 33.01
O2 SO4 G . -10.69 -2.37 35.37
O3 SO4 G . -8.88 -3.17 33.97
O4 SO4 G . -11.08 -4.25 33.86
S SO4 H . -24.93 9.27 21.76
O1 SO4 H . -25.23 10.70 21.96
O2 SO4 H . -24.47 9.05 20.37
O3 SO4 H . -26.15 8.47 22.03
O4 SO4 H . -23.86 8.84 22.68
N1 V3L I . 12.28 17.76 -9.44
C2 V3L I . 12.96 18.48 -8.51
N3 V3L I . 12.71 19.80 -8.30
C4 V3L I . 11.76 20.45 -9.01
C5 V3L I . 11.01 19.78 -9.97
C6 V3L I . 11.31 18.34 -10.19
N6 V3L I . 10.62 17.66 -11.11
N7 V3L I . 10.14 20.64 -10.52
C8 V3L I . 10.34 21.83 -9.90
N9 V3L I . 11.33 21.71 -9.00
P V3L I . 7.75 25.60 -5.21
PB V3L I . 18.26 26.64 -12.98
C10 V3L I . 14.79 23.84 -9.18
C1' V3L I . 11.87 22.75 -8.09
OP3 V3L I . 7.18 24.62 -4.21
O1B V3L I . 18.92 27.91 -12.50
C12 V3L I . 16.03 24.55 -8.68
O12 V3L I . 16.05 24.72 -7.26
C2' V3L I . 12.41 23.94 -8.86
O2' V3L I . 13.70 24.25 -8.39
OP1 V3L I . 8.29 26.90 -4.65
O2B V3L I . 19.07 25.38 -12.81
C13 V3L I . 15.92 25.87 -9.39
O13 V3L I . 15.01 26.77 -8.75
C3' V3L I . 11.56 25.10 -8.48
O3' V3L I . 12.36 26.28 -8.28
OP2 V3L I . 6.88 25.81 -6.42
O3B V3L I . 17.55 26.80 -14.30
C14 V3L I . 15.35 25.45 -10.73
O14 V3L I . 14.59 24.28 -10.51
C4' V3L I . 10.95 24.65 -7.18
O4' V3L I . 10.83 23.22 -7.26
C15 V3L I . 16.49 25.18 -11.68
O15 V3L I . 17.03 26.46 -11.96
C5' V3L I . 9.61 25.29 -6.99
O5' V3L I . 9.07 24.87 -5.74
S SO4 J . 0.92 -34.02 -15.98
O1 SO4 J . 0.81 -32.59 -15.65
O2 SO4 J . 0.97 -34.20 -17.44
O3 SO4 J . -0.19 -34.78 -15.38
O4 SO4 J . 2.23 -34.45 -15.45
S SO4 K . 25.46 -2.04 -29.11
O1 SO4 K . 25.18 -1.01 -28.09
O2 SO4 K . 26.76 -1.64 -29.73
O3 SO4 K . 25.60 -3.38 -28.53
O4 SO4 K . 24.42 -2.12 -30.14
S SO4 L . -0.15 19.27 -1.67
O1 SO4 L . -0.92 19.63 -0.46
O2 SO4 L . 1.07 20.10 -1.77
O3 SO4 L . 0.25 17.85 -1.63
O4 SO4 L . -1.02 19.52 -2.83
S SO4 M . 6.86 -11.10 -33.02
O1 SO4 M . 7.63 -10.54 -34.15
O2 SO4 M . 7.43 -10.58 -31.76
O3 SO4 M . 6.92 -12.58 -32.98
O4 SO4 M . 5.42 -10.69 -33.14
S SO4 N . 25.63 -6.11 -21.86
O1 SO4 N . 25.03 -4.94 -22.53
O2 SO4 N . 27.09 -5.94 -21.71
O3 SO4 N . 25.03 -6.23 -20.51
O4 SO4 N . 25.36 -7.33 -22.65
#